data_5NB5
#
_entry.id   5NB5
#
_cell.length_a   63.330
_cell.length_b   109.390
_cell.length_c   158.900
_cell.angle_alpha   90.00
_cell.angle_beta   90.00
_cell.angle_gamma   90.00
#
_symmetry.space_group_name_H-M   'P 21 21 21'
#
loop_
_entity.id
_entity.type
_entity.pdbx_description
1 polymer 'design of antibodies'
2 polymer 'design of antibodies'
#
loop_
_entity_poly.entity_id
_entity_poly.type
_entity_poly.pdbx_seq_one_letter_code
_entity_poly.pdbx_strand_id
1 'polypeptide(L)'
;DIVLTQTPLTLPVSPGQRATISCRASQSVDYRGYSFMQWYQQKPGQPPKLLVYWGSNLESGVPARFSGSGSGTDFTLTIH
PVEPEDFATYFCQQSYSTPWTFGGGTKLEIKRTVAAPSVFIFPPSDEQLKSGTASVVCLLNNFYPREAKVQWKVDNALQS
GNSQESVTEQDSKDSTYSLSSTLTLSKADYEKHKVYACEVTHQGLSSPVTKSFNRGEC
;
L,M
2 'polypeptide(L)'
;QVQLQETGGGLVQPGASMKLSCKASGFTFTRSGMYWVRQRPGQGLEWVAWISPNGGSTDYNDKVKGRATITRDTSSNTAY
LQMSSLTSEDTAVYYCARGWGGMRYWGQGTTVTVSSASTKGPSVFPLAPSSKSTSGGTAALGCLVKDYFPEPVTVSWNSG
ALTSGVHTFPAVLQSSGLYSLSSVVTVPSSSLGTQTYICNVNHKPSNTKVDKRVEPKSCDK
;
H,I
#
# COMPACT_ATOMS: atom_id res chain seq x y z
N ASP A 1 -1.48 30.37 27.27
CA ASP A 1 -1.85 29.36 26.25
C ASP A 1 -1.22 29.68 24.89
N ILE A 2 -0.54 28.68 24.32
CA ILE A 2 0.02 28.76 22.98
C ILE A 2 -1.04 28.28 21.98
N VAL A 3 -1.77 29.24 21.38
CA VAL A 3 -2.84 28.94 20.44
C VAL A 3 -2.25 28.59 19.05
N LEU A 4 -2.50 27.37 18.59
CA LEU A 4 -2.06 26.92 17.26
C LEU A 4 -3.17 27.07 16.20
N THR A 5 -2.98 27.99 15.26
CA THR A 5 -3.89 28.14 14.12
C THR A 5 -3.39 27.32 12.93
N GLN A 6 -4.22 26.42 12.46
CA GLN A 6 -3.87 25.45 11.43
C GLN A 6 -4.68 25.77 10.17
N THR A 7 -4.01 25.85 9.02
CA THR A 7 -4.67 26.20 7.75
C THR A 7 -4.05 25.41 6.57
N PRO A 8 -4.82 25.16 5.51
CA PRO A 8 -6.26 25.45 5.42
C PRO A 8 -7.09 24.43 6.21
N LEU A 9 -8.38 24.71 6.40
CA LEU A 9 -9.24 23.84 7.20
C LEU A 9 -9.54 22.53 6.48
N THR A 10 -9.89 22.62 5.20
CA THR A 10 -10.01 21.45 4.34
C THR A 10 -9.08 21.59 3.12
N LEU A 11 -8.79 20.47 2.48
CA LEU A 11 -7.84 20.44 1.37
C LEU A 11 -7.99 19.14 0.54
N PRO A 12 -8.57 19.24 -0.68
CA PRO A 12 -8.54 18.11 -1.64
C PRO A 12 -7.35 18.17 -2.60
N VAL A 13 -6.70 17.02 -2.80
CA VAL A 13 -5.44 16.94 -3.56
C VAL A 13 -5.36 15.62 -4.34
N SER A 14 -4.81 15.65 -5.55
CA SER A 14 -4.69 14.46 -6.41
C SER A 14 -3.53 13.54 -5.98
N PRO A 15 -3.67 12.22 -6.21
CA PRO A 15 -2.52 11.30 -6.01
C PRO A 15 -1.33 11.71 -6.88
N GLY A 16 -0.12 11.70 -6.29
CA GLY A 16 1.07 12.23 -6.94
C GLY A 16 1.38 13.69 -6.63
N GLN A 17 0.34 14.50 -6.44
CA GLN A 17 0.50 15.93 -6.15
C GLN A 17 1.05 16.20 -4.75
N ARG A 18 1.49 17.45 -4.55
CA ARG A 18 2.00 17.93 -3.28
C ARG A 18 0.85 18.53 -2.47
N ALA A 19 0.75 18.13 -1.20
CA ALA A 19 -0.19 18.71 -0.25
C ALA A 19 0.61 19.36 0.85
N THR A 20 0.32 20.63 1.14
CA THR A 20 1.07 21.39 2.15
C THR A 20 0.08 21.93 3.18
N ILE A 21 0.17 21.39 4.41
CA ILE A 21 -0.61 21.86 5.56
C ILE A 21 0.33 22.71 6.39
N SER A 22 -0.16 23.82 6.93
CA SER A 22 0.66 24.69 7.78
C SER A 22 0.01 24.97 9.13
N CYS A 23 0.86 25.26 10.13
CA CYS A 23 0.46 25.48 11.52
C CYS A 23 1.25 26.67 12.07
N ARG A 24 0.53 27.67 12.60
CA ARG A 24 1.16 28.88 13.15
C ARG A 24 0.85 28.99 14.63
N ALA A 25 1.91 29.09 15.44
CA ALA A 25 1.79 29.21 16.90
C ALA A 25 1.77 30.67 17.34
N SER A 26 0.91 30.97 18.31
CA SER A 26 0.75 32.34 18.85
C SER A 26 2.03 32.92 19.44
N GLN A 27 2.96 32.05 19.83
CA GLN A 27 4.33 32.46 20.20
C GLN A 27 5.31 31.31 19.94
N SER A 28 6.61 31.56 20.18
CA SER A 28 7.64 30.60 19.82
C SER A 28 7.53 29.28 20.60
N VAL A 29 7.86 28.18 19.91
CA VAL A 29 7.85 26.84 20.53
C VAL A 29 9.25 26.24 20.68
N ASP A 30 10.27 27.11 20.70
CA ASP A 30 11.68 26.70 20.53
C ASP A 30 12.53 26.78 21.79
N TYR A 31 13.53 25.89 21.85
CA TYR A 31 14.69 26.04 22.76
C TYR A 31 15.93 25.45 22.06
N ARG A 32 16.99 26.27 21.97
CA ARG A 32 18.20 25.95 21.18
C ARG A 32 17.83 25.56 19.75
N GLY A 33 18.43 24.50 19.17
CA GLY A 33 18.06 24.05 17.83
C GLY A 33 16.67 23.43 17.71
N TYR A 34 16.11 22.98 18.84
CA TYR A 34 14.89 22.19 18.83
C TYR A 34 13.63 23.04 18.83
N SER A 35 12.68 22.66 17.97
CA SER A 35 11.34 23.24 17.94
C SER A 35 10.34 22.16 18.34
N PHE A 36 9.61 22.38 19.43
CA PHE A 36 8.77 21.30 19.99
C PHE A 36 7.38 21.27 19.37
N MET A 37 7.35 20.84 18.11
CA MET A 37 6.11 20.79 17.30
C MET A 37 5.92 19.41 16.69
N GLN A 38 4.74 18.84 16.91
CA GLN A 38 4.42 17.49 16.47
C GLN A 38 3.30 17.52 15.44
N TRP A 39 3.25 16.46 14.62
CA TRP A 39 2.23 16.25 13.61
C TRP A 39 1.63 14.87 13.78
N TYR A 40 0.30 14.83 13.82
CA TYR A 40 -0.46 13.59 13.96
C TYR A 40 -1.42 13.42 12.79
N GLN A 41 -1.67 12.17 12.42
CA GLN A 41 -2.64 11.81 11.39
C GLN A 41 -3.72 10.99 12.07
N GLN A 42 -4.97 11.41 11.96
CA GLN A 42 -6.09 10.60 12.45
C GLN A 42 -6.95 10.20 11.28
N LYS A 43 -6.87 8.93 10.92
CA LYS A 43 -7.89 8.29 10.08
C LYS A 43 -9.09 8.03 11.02
N PRO A 44 -10.32 8.07 10.49
CA PRO A 44 -11.51 8.03 11.35
C PRO A 44 -11.76 6.65 11.96
N GLY A 45 -12.34 6.63 13.16
CA GLY A 45 -12.53 5.40 13.94
C GLY A 45 -11.20 4.80 14.39
N GLN A 46 -10.30 5.67 14.82
CA GLN A 46 -8.92 5.27 15.09
C GLN A 46 -8.21 6.36 15.88
N PRO A 47 -7.21 5.96 16.68
CA PRO A 47 -6.44 6.93 17.43
C PRO A 47 -5.47 7.66 16.51
N PRO A 48 -5.07 8.89 16.89
CA PRO A 48 -4.02 9.56 16.13
C PRO A 48 -2.71 8.78 16.04
N LYS A 49 -1.99 8.99 14.94
CA LYS A 49 -0.70 8.35 14.66
C LYS A 49 0.35 9.45 14.56
N LEU A 50 1.46 9.31 15.29
CA LEU A 50 2.55 10.29 15.24
C LEU A 50 3.29 10.18 13.93
N LEU A 51 3.43 11.31 13.24
CA LEU A 51 4.09 11.38 11.94
C LEU A 51 5.45 12.03 12.01
N VAL A 52 5.48 13.23 12.58
CA VAL A 52 6.70 14.00 12.76
C VAL A 52 6.73 14.51 14.20
N TYR A 53 7.89 14.40 14.86
CA TYR A 53 8.08 14.97 16.20
C TYR A 53 9.24 15.96 16.21
N TRP A 54 9.17 16.91 17.13
CA TRP A 54 10.15 18.01 17.26
C TRP A 54 10.45 18.68 15.91
N GLY A 55 9.41 19.25 15.32
CA GLY A 55 9.52 20.03 14.08
C GLY A 55 9.60 19.21 12.81
N SER A 56 10.68 18.42 12.70
CA SER A 56 11.09 17.76 11.46
C SER A 56 11.71 16.34 11.61
N ASN A 57 11.57 15.68 12.76
CA ASN A 57 12.02 14.29 12.86
C ASN A 57 10.90 13.38 12.36
N LEU A 58 11.10 12.78 11.18
CA LEU A 58 10.18 11.80 10.66
C LEU A 58 10.16 10.58 11.57
N GLU A 59 9.00 10.31 12.16
CA GLU A 59 8.80 9.14 12.99
C GLU A 59 9.14 7.87 12.23
N SER A 60 9.82 6.94 12.90
CA SER A 60 10.23 5.68 12.28
C SER A 60 8.99 4.82 12.02
N GLY A 61 8.98 4.15 10.86
CA GLY A 61 7.80 3.44 10.38
C GLY A 61 6.91 4.25 9.44
N VAL A 62 7.05 5.57 9.45
CA VAL A 62 6.31 6.47 8.55
C VAL A 62 7.12 6.66 7.27
N PRO A 63 6.46 6.66 6.09
CA PRO A 63 7.21 6.85 4.84
C PRO A 63 7.76 8.27 4.66
N ALA A 64 8.85 8.37 3.89
CA ALA A 64 9.59 9.63 3.73
C ALA A 64 8.84 10.71 2.94
N ARG A 65 7.81 10.31 2.19
CA ARG A 65 6.94 11.25 1.49
C ARG A 65 6.22 12.24 2.42
N PHE A 66 6.11 11.89 3.71
CA PHE A 66 5.77 12.84 4.76
C PHE A 66 7.04 13.51 5.24
N SER A 67 6.99 14.83 5.42
CA SER A 67 8.08 15.53 6.09
C SER A 67 7.60 16.87 6.64
N GLY A 68 8.04 17.15 7.87
CA GLY A 68 7.71 18.37 8.57
C GLY A 68 8.90 19.30 8.58
N SER A 69 8.63 20.58 8.79
CA SER A 69 9.66 21.61 8.84
C SER A 69 9.10 22.86 9.53
N GLY A 70 9.98 23.84 9.75
CA GLY A 70 9.60 25.12 10.35
C GLY A 70 10.43 25.49 11.56
N SER A 71 10.27 26.75 12.00
CA SER A 71 10.91 27.28 13.20
C SER A 71 10.01 28.32 13.87
N GLY A 72 10.32 28.60 15.13
CA GLY A 72 9.62 29.60 15.94
C GLY A 72 8.11 29.44 16.06
N THR A 73 7.41 30.09 15.11
CA THR A 73 5.95 30.08 15.00
C THR A 73 5.41 29.29 13.79
N ASP A 74 6.06 29.42 12.62
CA ASP A 74 5.54 28.85 11.36
C ASP A 74 6.10 27.46 11.04
N PHE A 75 5.22 26.45 11.07
CA PHE A 75 5.56 25.05 10.74
C PHE A 75 4.70 24.54 9.60
N THR A 76 5.23 23.58 8.83
CA THR A 76 4.52 23.00 7.69
C THR A 76 4.78 21.49 7.58
N LEU A 77 3.69 20.72 7.46
CA LEU A 77 3.73 19.31 7.08
C LEU A 77 3.48 19.24 5.59
N THR A 78 4.41 18.63 4.86
CA THR A 78 4.23 18.42 3.43
C THR A 78 4.15 16.93 3.15
N ILE A 79 3.29 16.59 2.19
CA ILE A 79 3.11 15.23 1.72
C ILE A 79 3.32 15.26 0.20
N HIS A 80 4.27 14.46 -0.29
CA HIS A 80 4.63 14.47 -1.72
C HIS A 80 5.43 13.21 -2.08
N PRO A 81 4.86 12.28 -2.86
CA PRO A 81 3.51 12.33 -3.43
C PRO A 81 2.39 12.00 -2.43
N VAL A 82 1.24 12.65 -2.58
CA VAL A 82 0.03 12.24 -1.86
C VAL A 82 -0.45 10.92 -2.47
N GLU A 83 -1.06 10.08 -1.62
CA GLU A 83 -1.59 8.77 -2.07
C GLU A 83 -3.03 8.57 -1.56
N PRO A 84 -3.78 7.63 -2.16
CA PRO A 84 -5.21 7.50 -1.80
C PRO A 84 -5.48 7.14 -0.32
N GLU A 85 -4.54 6.42 0.30
CA GLU A 85 -4.60 6.08 1.73
C GLU A 85 -4.39 7.25 2.70
N ASP A 86 -3.80 8.33 2.19
CA ASP A 86 -3.54 9.53 2.98
C ASP A 86 -4.80 10.32 3.38
N PHE A 87 -6.00 9.87 3.00
CA PHE A 87 -7.24 10.43 3.54
C PHE A 87 -7.26 10.35 5.07
N ALA A 88 -7.48 11.50 5.70
CA ALA A 88 -7.31 11.67 7.14
C ALA A 88 -7.46 13.13 7.52
N THR A 89 -7.59 13.38 8.83
CA THR A 89 -7.45 14.70 9.39
C THR A 89 -6.07 14.77 10.06
N TYR A 90 -5.32 15.83 9.72
CA TYR A 90 -3.97 16.03 10.25
C TYR A 90 -3.98 17.15 11.30
N PHE A 91 -3.23 16.93 12.37
CA PHE A 91 -3.22 17.80 13.56
C PHE A 91 -1.80 18.17 13.95
N CYS A 92 -1.54 19.47 14.11
CA CYS A 92 -0.30 19.93 14.75
C CYS A 92 -0.51 20.01 16.26
N GLN A 93 0.59 19.87 17.01
CA GLN A 93 0.53 19.89 18.50
C GLN A 93 1.83 20.42 19.07
N GLN A 94 1.72 21.31 20.07
CA GLN A 94 2.92 21.92 20.65
C GLN A 94 3.22 21.32 22.03
N SER A 95 4.51 21.03 22.29
CA SER A 95 4.94 20.51 23.58
C SER A 95 6.08 21.34 24.19
N TYR A 96 5.99 22.67 24.08
CA TYR A 96 7.02 23.59 24.62
C TYR A 96 6.69 24.05 26.04
N SER A 97 5.43 24.48 26.25
CA SER A 97 4.95 24.88 27.57
C SER A 97 3.48 24.50 27.76
N THR A 98 3.13 24.13 28.99
CA THR A 98 1.76 23.75 29.34
C THR A 98 0.84 24.99 29.33
N PRO A 99 -0.44 24.86 29.04
CA PRO A 99 -1.07 23.60 28.64
C PRO A 99 -0.66 23.20 27.22
N TRP A 100 -0.50 21.90 27.01
CA TRP A 100 -0.22 21.39 25.67
C TRP A 100 -1.48 21.62 24.85
N THR A 101 -1.31 21.97 23.58
CA THR A 101 -2.41 22.36 22.72
C THR A 101 -2.27 21.81 21.29
N PHE A 102 -3.41 21.44 20.70
CA PHE A 102 -3.50 20.97 19.32
C PHE A 102 -4.02 22.09 18.42
N GLY A 103 -3.84 21.92 17.11
CA GLY A 103 -4.51 22.74 16.12
C GLY A 103 -5.93 22.24 15.92
N GLY A 104 -6.75 23.07 15.27
CA GLY A 104 -8.11 22.70 14.88
C GLY A 104 -8.25 21.52 13.96
N GLY A 105 -7.19 21.21 13.23
CA GLY A 105 -7.18 20.13 12.27
C GLY A 105 -7.34 20.55 10.83
N THR A 106 -6.84 19.70 9.92
CA THR A 106 -6.96 19.92 8.47
C THR A 106 -7.41 18.62 7.83
N LYS A 107 -8.52 18.67 7.08
CA LYS A 107 -9.14 17.47 6.49
C LYS A 107 -8.71 17.28 5.05
N LEU A 108 -7.92 16.22 4.83
CA LEU A 108 -7.37 15.91 3.51
C LEU A 108 -8.29 14.99 2.72
N GLU A 109 -8.94 15.53 1.68
CA GLU A 109 -9.70 14.70 0.73
C GLU A 109 -8.77 14.29 -0.42
N ILE A 110 -9.02 13.12 -1.00
CA ILE A 110 -8.30 12.67 -2.20
C ILE A 110 -9.12 12.99 -3.45
N LYS A 111 -8.45 13.45 -4.49
CA LYS A 111 -9.12 13.71 -5.77
C LYS A 111 -9.06 12.54 -6.72
N ARG A 112 -10.10 12.51 -7.54
CA ARG A 112 -10.30 11.51 -8.58
C ARG A 112 -11.32 12.03 -9.61
N THR A 113 -11.50 11.25 -10.67
CA THR A 113 -12.49 11.59 -11.69
C THR A 113 -13.89 11.58 -11.11
N VAL A 114 -14.80 12.30 -11.76
CA VAL A 114 -16.18 12.41 -11.31
C VAL A 114 -16.88 11.07 -11.49
N ALA A 115 -17.69 10.70 -10.49
CA ALA A 115 -18.42 9.43 -10.50
C ALA A 115 -19.84 9.68 -10.01
N ALA A 116 -20.83 9.40 -10.84
CA ALA A 116 -22.23 9.61 -10.44
C ALA A 116 -22.63 8.58 -9.38
N PRO A 117 -23.57 8.95 -8.49
CA PRO A 117 -24.13 7.99 -7.55
C PRO A 117 -25.11 7.04 -8.19
N SER A 118 -25.20 5.83 -7.66
CA SER A 118 -26.27 4.90 -7.99
C SER A 118 -27.33 5.07 -6.91
N VAL A 119 -28.53 5.50 -7.29
CA VAL A 119 -29.57 5.82 -6.32
C VAL A 119 -30.48 4.63 -6.07
N PHE A 120 -30.78 4.40 -4.80
CA PHE A 120 -31.71 3.37 -4.38
C PHE A 120 -32.65 3.96 -3.34
N ILE A 121 -33.95 3.65 -3.47
CA ILE A 121 -34.94 3.99 -2.44
C ILE A 121 -35.45 2.73 -1.76
N PHE A 122 -35.68 2.84 -0.46
CA PHE A 122 -36.13 1.74 0.39
C PHE A 122 -37.37 2.17 1.16
N PRO A 123 -38.49 1.49 0.94
CA PRO A 123 -39.67 1.78 1.75
C PRO A 123 -39.55 1.20 3.15
N PRO A 124 -40.39 1.64 4.09
CA PRO A 124 -40.36 1.07 5.43
C PRO A 124 -40.84 -0.37 5.47
N SER A 125 -40.29 -1.13 6.40
CA SER A 125 -40.64 -2.53 6.58
C SER A 125 -42.00 -2.65 7.24
N ASP A 126 -42.72 -3.74 6.96
CA ASP A 126 -43.97 -4.02 7.65
C ASP A 126 -43.67 -4.21 9.13
N GLU A 127 -42.58 -4.94 9.38
CA GLU A 127 -41.90 -4.95 10.69
C GLU A 127 -42.01 -3.62 11.45
N GLN A 128 -41.45 -2.54 10.88
CA GLN A 128 -41.36 -1.24 11.58
C GLN A 128 -42.72 -0.57 11.77
N LEU A 129 -43.52 -0.60 10.72
CA LEU A 129 -44.84 0.02 10.71
C LEU A 129 -45.75 -0.50 11.82
N LYS A 130 -45.57 -1.76 12.23
CA LYS A 130 -46.30 -2.30 13.40
C LYS A 130 -46.11 -1.46 14.66
N SER A 131 -44.90 -0.96 14.87
CA SER A 131 -44.61 0.02 15.92
C SER A 131 -45.04 1.43 15.44
N GLY A 132 -44.63 2.47 16.18
CA GLY A 132 -45.09 3.83 15.89
C GLY A 132 -44.72 4.48 14.57
N THR A 133 -43.57 4.12 14.00
CA THR A 133 -42.87 4.96 13.02
C THR A 133 -42.64 4.33 11.64
N ALA A 134 -42.36 5.19 10.66
CA ALA A 134 -42.02 4.77 9.30
C ALA A 134 -40.71 5.46 8.89
N SER A 135 -39.68 4.67 8.57
CA SER A 135 -38.40 5.21 8.13
C SER A 135 -38.16 4.86 6.66
N VAL A 136 -37.90 5.88 5.85
CA VAL A 136 -37.69 5.74 4.40
C VAL A 136 -36.26 6.14 4.04
N VAL A 137 -35.52 5.21 3.45
CA VAL A 137 -34.08 5.39 3.23
C VAL A 137 -33.75 5.54 1.76
N CYS A 138 -33.06 6.62 1.43
CA CYS A 138 -32.56 6.88 0.09
C CYS A 138 -31.04 6.74 0.20
N LEU A 139 -30.45 5.96 -0.72
CA LEU A 139 -29.01 5.63 -0.68
C LEU A 139 -28.34 6.08 -1.97
N LEU A 140 -27.39 7.01 -1.85
CA LEU A 140 -26.55 7.46 -2.97
C LEU A 140 -25.21 6.74 -2.85
N ASN A 141 -24.92 5.86 -3.80
CA ASN A 141 -23.80 4.93 -3.63
C ASN A 141 -22.61 5.16 -4.59
N ASN A 142 -21.43 5.32 -3.98
CA ASN A 142 -20.15 5.35 -4.69
C ASN A 142 -20.03 6.48 -5.72
N PHE A 143 -19.93 7.69 -5.20
CA PHE A 143 -19.90 8.90 -6.01
C PHE A 143 -18.74 9.83 -5.61
N TYR A 144 -18.35 10.66 -6.56
CA TYR A 144 -17.36 11.72 -6.34
C TYR A 144 -17.76 12.91 -7.22
N PRO A 145 -17.71 14.15 -6.72
CA PRO A 145 -17.25 14.54 -5.36
C PRO A 145 -18.31 14.42 -4.28
N ARG A 146 -17.97 14.81 -3.06
CA ARG A 146 -18.88 14.64 -1.92
C ARG A 146 -20.15 15.46 -2.04
N GLU A 147 -20.05 16.66 -2.61
CA GLU A 147 -21.20 17.57 -2.74
C GLU A 147 -22.31 16.94 -3.59
N ALA A 148 -23.41 16.63 -2.91
CA ALA A 148 -24.61 16.09 -3.53
C ALA A 148 -25.81 16.63 -2.74
N LYS A 149 -26.96 16.70 -3.38
CA LYS A 149 -28.17 17.12 -2.70
C LYS A 149 -29.23 16.05 -2.87
N VAL A 150 -29.92 15.78 -1.77
CA VAL A 150 -31.03 14.85 -1.71
C VAL A 150 -32.25 15.67 -1.36
N GLN A 151 -33.35 15.46 -2.09
CA GLN A 151 -34.60 16.11 -1.77
C GLN A 151 -35.74 15.11 -1.72
N TRP A 152 -36.35 15.03 -0.55
CA TRP A 152 -37.50 14.19 -0.31
C TRP A 152 -38.78 14.91 -0.69
N LYS A 153 -39.66 14.19 -1.39
CA LYS A 153 -41.00 14.67 -1.69
C LYS A 153 -42.01 13.58 -1.38
N VAL A 154 -43.09 14.01 -0.70
CA VAL A 154 -44.18 13.12 -0.33
C VAL A 154 -45.45 13.75 -0.88
N ASP A 155 -46.10 13.05 -1.83
CA ASP A 155 -47.23 13.62 -2.57
C ASP A 155 -46.95 15.06 -3.01
N ASN A 156 -45.76 15.21 -3.60
CA ASN A 156 -45.29 16.48 -4.17
C ASN A 156 -44.90 17.58 -3.18
N ALA A 157 -45.08 17.35 -1.88
CA ALA A 157 -44.65 18.31 -0.87
C ALA A 157 -43.18 18.05 -0.56
N LEU A 158 -42.35 19.07 -0.78
CA LEU A 158 -40.96 19.01 -0.34
C LEU A 158 -40.92 18.86 1.16
N GLN A 159 -40.20 17.85 1.63
CA GLN A 159 -40.00 17.65 3.05
C GLN A 159 -38.74 18.40 3.46
N SER A 160 -38.75 19.00 4.64
CA SER A 160 -37.51 19.40 5.30
C SER A 160 -37.74 19.45 6.79
N GLY A 161 -36.69 19.14 7.55
CA GLY A 161 -36.79 19.05 9.01
C GLY A 161 -36.94 17.65 9.56
N ASN A 162 -37.49 16.73 8.75
CA ASN A 162 -37.72 15.33 9.15
C ASN A 162 -36.81 14.34 8.39
N SER A 163 -35.72 14.84 7.81
CA SER A 163 -34.75 14.04 7.07
C SER A 163 -33.44 14.14 7.84
N GLN A 164 -32.64 13.08 7.81
CA GLN A 164 -31.30 13.11 8.38
C GLN A 164 -30.38 12.27 7.55
N GLU A 165 -29.21 12.81 7.24
CA GLU A 165 -28.29 12.10 6.41
C GLU A 165 -26.92 11.98 7.01
N SER A 166 -26.26 10.85 6.74
CA SER A 166 -24.86 10.72 7.03
C SER A 166 -24.14 10.18 5.80
N VAL A 167 -22.82 10.39 5.82
CA VAL A 167 -21.96 10.09 4.69
C VAL A 167 -20.79 9.25 5.18
N THR A 168 -20.42 8.23 4.40
CA THR A 168 -19.25 7.41 4.70
C THR A 168 -17.98 8.22 4.50
N GLU A 169 -16.89 7.68 5.05
CA GLU A 169 -15.59 8.26 4.80
C GLU A 169 -15.12 7.80 3.44
N GLN A 170 -14.18 8.54 2.85
CA GLN A 170 -13.74 8.30 1.47
C GLN A 170 -13.10 6.91 1.32
N ASP A 171 -13.56 6.16 0.32
CA ASP A 171 -13.31 4.72 0.24
C ASP A 171 -11.85 4.24 0.15
N SER A 172 -10.90 5.10 -0.20
CA SER A 172 -9.48 4.71 -0.40
C SER A 172 -9.21 3.56 -1.42
N LYS A 173 -9.89 2.41 -1.25
CA LYS A 173 -10.11 1.39 -2.29
C LYS A 173 -10.45 1.98 -3.69
N ASP A 174 -11.47 2.83 -3.74
CA ASP A 174 -11.76 3.62 -4.97
C ASP A 174 -12.00 5.13 -4.79
N SER A 175 -11.79 5.65 -3.60
CA SER A 175 -11.90 7.10 -3.32
C SER A 175 -13.28 7.74 -3.55
N THR A 176 -14.35 6.95 -3.46
CA THR A 176 -15.72 7.47 -3.53
C THR A 176 -16.32 7.68 -2.14
N TYR A 177 -17.41 8.45 -2.12
CA TYR A 177 -18.26 8.57 -0.96
C TYR A 177 -19.52 7.79 -1.22
N SER A 178 -20.25 7.51 -0.16
CA SER A 178 -21.63 7.02 -0.24
C SER A 178 -22.41 7.77 0.84
N LEU A 179 -23.72 7.89 0.67
CA LEU A 179 -24.53 8.76 1.53
C LEU A 179 -25.93 8.18 1.68
N SER A 180 -26.48 8.27 2.88
CA SER A 180 -27.85 7.82 3.14
C SER A 180 -28.63 8.96 3.75
N SER A 181 -29.79 9.24 3.16
CA SER A 181 -30.78 10.17 3.72
C SER A 181 -31.95 9.34 4.22
N THR A 182 -32.37 9.59 5.46
CA THR A 182 -33.40 8.81 6.13
C THR A 182 -34.55 9.74 6.55
N LEU A 183 -35.67 9.62 5.83
CA LEU A 183 -36.89 10.37 6.12
C LEU A 183 -37.70 9.62 7.16
N THR A 184 -38.13 10.31 8.21
CA THR A 184 -38.83 9.70 9.33
C THR A 184 -40.23 10.33 9.46
N LEU A 185 -41.24 9.47 9.56
CA LEU A 185 -42.65 9.89 9.69
C LEU A 185 -43.37 9.05 10.72
N SER A 186 -44.50 9.55 11.21
CA SER A 186 -45.42 8.72 11.99
C SER A 186 -46.09 7.73 11.04
N LYS A 187 -46.49 6.58 11.59
CA LYS A 187 -47.26 5.61 10.83
C LYS A 187 -48.45 6.32 10.20
N ALA A 188 -49.20 7.05 11.02
CA ALA A 188 -50.36 7.83 10.58
C ALA A 188 -50.06 8.64 9.32
N ASP A 189 -49.04 9.51 9.39
CA ASP A 189 -48.64 10.35 8.24
C ASP A 189 -48.25 9.51 7.03
N TYR A 190 -47.52 8.41 7.27
CA TYR A 190 -47.09 7.54 6.19
C TYR A 190 -48.26 6.90 5.43
N GLU A 191 -49.36 6.58 6.12
CA GLU A 191 -50.52 5.98 5.44
C GLU A 191 -51.40 7.07 4.84
N LYS A 192 -51.33 8.28 5.35
CA LYS A 192 -52.00 9.41 4.70
C LYS A 192 -51.44 9.82 3.32
N HIS A 193 -50.25 9.40 2.86
CA HIS A 193 -49.82 9.68 1.47
C HIS A 193 -49.41 8.46 0.67
N LYS A 194 -49.39 8.63 -0.66
CA LYS A 194 -49.13 7.55 -1.62
C LYS A 194 -47.69 7.55 -2.19
N VAL A 195 -47.29 8.68 -2.78
CA VAL A 195 -46.03 8.75 -3.55
C VAL A 195 -44.88 9.30 -2.70
N TYR A 196 -43.80 8.51 -2.61
CA TYR A 196 -42.60 8.86 -1.86
C TYR A 196 -41.43 8.86 -2.82
N ALA A 197 -40.61 9.92 -2.81
CA ALA A 197 -39.53 10.04 -3.77
C ALA A 197 -38.34 10.78 -3.21
N CYS A 198 -37.12 10.30 -3.51
CA CYS A 198 -35.94 11.15 -3.36
C CYS A 198 -35.35 11.52 -4.72
N GLU A 199 -35.17 12.83 -4.91
CA GLU A 199 -34.53 13.38 -6.09
C GLU A 199 -33.09 13.68 -5.68
N VAL A 200 -32.16 13.16 -6.44
CA VAL A 200 -30.75 13.39 -6.21
C VAL A 200 -30.20 14.31 -7.26
N THR A 201 -29.48 15.35 -6.84
CA THR A 201 -29.00 16.31 -7.80
C THR A 201 -27.63 16.19 -8.43
N HIS A 202 -26.59 15.84 -7.68
CA HIS A 202 -25.18 15.61 -8.16
C HIS A 202 -24.47 15.96 -9.50
N GLN A 203 -23.30 16.59 -9.47
CA GLN A 203 -22.43 16.92 -10.61
C GLN A 203 -22.22 15.92 -11.74
N GLY A 204 -21.95 14.66 -11.46
CA GLY A 204 -21.91 13.56 -12.42
C GLY A 204 -23.22 13.11 -13.06
N LEU A 205 -24.35 13.62 -12.61
CA LEU A 205 -25.64 13.39 -13.28
C LEU A 205 -25.95 14.58 -14.15
N SER A 206 -26.36 14.33 -15.39
CA SER A 206 -26.65 15.41 -16.36
C SER A 206 -27.93 16.16 -16.07
N SER A 207 -28.83 15.53 -15.33
CA SER A 207 -29.96 16.19 -14.67
C SER A 207 -30.38 15.30 -13.50
N PRO A 208 -31.10 15.86 -12.51
CA PRO A 208 -31.31 15.09 -11.26
C PRO A 208 -32.03 13.76 -11.46
N VAL A 209 -31.54 12.72 -10.80
CA VAL A 209 -32.17 11.40 -10.80
C VAL A 209 -33.20 11.34 -9.66
N THR A 210 -34.36 10.77 -9.96
CA THR A 210 -35.40 10.52 -8.94
C THR A 210 -35.67 9.02 -8.82
N LYS A 211 -35.68 8.50 -7.59
CA LYS A 211 -36.15 7.15 -7.32
C LYS A 211 -37.32 7.25 -6.36
N SER A 212 -38.35 6.47 -6.64
CA SER A 212 -39.61 6.55 -5.90
C SER A 212 -40.36 5.22 -5.80
N PHE A 213 -41.36 5.21 -4.93
CA PHE A 213 -42.33 4.14 -4.85
C PHE A 213 -43.69 4.70 -4.49
N ASN A 214 -44.69 3.86 -4.71
CA ASN A 214 -46.04 4.09 -4.23
C ASN A 214 -46.30 3.12 -3.08
N ARG A 215 -46.85 3.64 -1.99
CA ARG A 215 -47.15 2.82 -0.83
C ARG A 215 -48.09 1.67 -1.21
N GLY A 216 -47.78 0.47 -0.76
CA GLY A 216 -48.54 -0.73 -1.09
C GLY A 216 -47.92 -1.61 -2.17
N GLU A 217 -47.68 -1.04 -3.34
CA GLU A 217 -47.26 -1.78 -4.54
C GLU A 217 -45.86 -2.38 -4.42
N CYS A 218 -45.66 -3.57 -4.98
CA CYS A 218 -44.43 -4.38 -4.75
C CYS A 218 -43.14 -3.68 -5.18
N GLN B 1 5.63 -6.29 21.47
CA GLN B 1 5.11 -4.98 20.99
C GLN B 1 4.98 -4.03 22.19
N VAL B 2 4.64 -2.76 21.95
CA VAL B 2 4.49 -1.73 23.01
C VAL B 2 3.04 -1.17 23.07
N GLN B 3 2.11 -1.98 23.58
CA GLN B 3 0.66 -1.67 23.56
C GLN B 3 0.17 -0.86 24.78
N LEU B 4 -0.96 -0.16 24.60
CA LEU B 4 -1.72 0.51 25.66
C LEU B 4 -3.18 0.04 25.68
N GLN B 5 -3.65 -0.43 26.85
CA GLN B 5 -5.04 -0.90 27.03
C GLN B 5 -5.85 0.03 27.93
N GLU B 6 -6.93 0.58 27.37
CA GLU B 6 -7.76 1.59 28.04
C GLU B 6 -9.08 1.04 28.55
N THR B 7 -9.30 1.12 29.86
CA THR B 7 -10.50 0.57 30.48
C THR B 7 -11.27 1.61 31.27
N GLY B 8 -12.51 1.26 31.59
CA GLY B 8 -13.33 2.02 32.53
C GLY B 8 -14.24 3.06 31.93
N GLY B 9 -14.59 2.91 30.65
CA GLY B 9 -15.46 3.89 29.98
C GLY B 9 -16.92 3.73 30.37
N GLY B 10 -17.82 4.08 29.44
CA GLY B 10 -19.22 3.77 29.57
C GLY B 10 -20.14 4.93 29.82
N LEU B 11 -21.38 4.61 30.20
CA LEU B 11 -22.44 5.58 30.41
C LEU B 11 -22.42 6.03 31.88
N VAL B 12 -22.43 7.33 32.11
CA VAL B 12 -22.45 7.87 33.46
C VAL B 12 -23.48 9.00 33.60
N GLN B 13 -24.05 9.10 34.80
CA GLN B 13 -24.99 10.16 35.16
C GLN B 13 -24.28 11.54 35.22
N PRO B 14 -25.03 12.62 34.88
CA PRO B 14 -24.55 13.97 35.15
C PRO B 14 -24.23 14.18 36.61
N GLY B 15 -23.10 14.83 36.89
CA GLY B 15 -22.63 15.03 38.24
C GLY B 15 -21.90 13.83 38.85
N ALA B 16 -21.94 12.68 38.20
CA ALA B 16 -21.21 11.51 38.67
C ALA B 16 -19.74 11.59 38.29
N SER B 17 -18.99 10.55 38.67
CA SER B 17 -17.57 10.48 38.36
C SER B 17 -17.21 9.29 37.49
N MET B 18 -16.01 9.37 36.89
CA MET B 18 -15.41 8.28 36.12
C MET B 18 -13.99 8.06 36.61
N LYS B 19 -13.49 6.84 36.40
CA LYS B 19 -12.10 6.51 36.63
C LYS B 19 -11.64 5.63 35.48
N LEU B 20 -10.88 6.22 34.55
CA LEU B 20 -10.30 5.47 33.45
C LEU B 20 -8.90 4.97 33.82
N SER B 21 -8.50 3.88 33.17
CA SER B 21 -7.17 3.28 33.38
C SER B 21 -6.45 3.04 32.07
N CYS B 22 -5.12 2.94 32.17
CA CYS B 22 -4.27 2.67 31.01
C CYS B 22 -3.10 1.73 31.36
N LYS B 23 -3.12 0.52 30.81
CA LYS B 23 -2.07 -0.49 31.05
C LYS B 23 -1.07 -0.49 29.89
N ALA B 24 0.18 -0.88 30.15
CA ALA B 24 1.27 -0.76 29.14
C ALA B 24 2.14 -2.03 29.01
N SER B 25 3.08 -2.05 28.07
CA SER B 25 3.99 -3.21 27.84
C SER B 25 5.37 -2.82 27.25
N GLY B 26 6.46 -3.00 27.99
CA GLY B 26 7.83 -2.91 27.43
C GLY B 26 8.50 -1.54 27.27
N PHE B 27 7.88 -0.50 27.82
CA PHE B 27 8.33 0.91 27.71
C PHE B 27 7.57 1.68 28.82
N THR B 28 8.17 2.00 29.97
CA THR B 28 9.49 1.59 30.46
C THR B 28 10.69 2.09 29.64
N PHE B 29 10.62 3.32 29.13
CA PHE B 29 11.84 4.04 28.74
C PHE B 29 12.33 4.94 29.88
N THR B 30 11.41 5.59 30.61
CA THR B 30 11.75 6.41 31.80
C THR B 30 11.90 7.91 31.54
N ARG B 31 11.87 8.35 30.28
CA ARG B 31 11.96 9.78 29.93
C ARG B 31 10.62 10.22 29.29
N SER B 32 9.58 9.40 29.47
CA SER B 32 8.34 9.48 28.71
C SER B 32 7.15 9.74 29.61
N GLY B 33 6.48 10.87 29.38
CA GLY B 33 5.32 11.24 30.16
C GLY B 33 4.06 10.54 29.69
N MET B 34 3.02 10.63 30.52
CA MET B 34 1.71 10.05 30.24
C MET B 34 0.71 11.17 30.01
N TYR B 35 -0.05 11.08 28.93
CA TYR B 35 -1.07 12.06 28.54
C TYR B 35 -2.47 11.42 28.49
N TRP B 36 -3.48 12.27 28.70
CA TRP B 36 -4.87 11.97 28.35
C TRP B 36 -5.34 13.05 27.38
N VAL B 37 -5.84 12.61 26.23
CA VAL B 37 -6.40 13.49 25.21
C VAL B 37 -7.81 13.01 24.96
N ARG B 38 -8.75 13.93 24.79
CA ARG B 38 -10.14 13.56 24.48
C ARG B 38 -10.57 14.10 23.15
N GLN B 39 -11.64 13.51 22.65
CA GLN B 39 -12.21 13.93 21.38
C GLN B 39 -13.73 13.88 21.47
N ARG B 40 -14.33 15.07 21.41
CA ARG B 40 -15.75 15.22 21.56
C ARG B 40 -16.36 14.73 20.26
N PRO B 41 -17.60 14.21 20.30
CA PRO B 41 -18.21 13.65 19.09
C PRO B 41 -18.17 14.63 17.91
N GLY B 42 -17.62 14.20 16.78
CA GLY B 42 -17.55 15.06 15.60
C GLY B 42 -16.64 16.27 15.66
N GLN B 43 -15.73 16.27 16.64
CA GLN B 43 -14.76 17.34 16.80
C GLN B 43 -13.31 16.86 16.83
N GLY B 44 -12.40 17.82 16.94
CA GLY B 44 -10.98 17.55 17.00
C GLY B 44 -10.45 17.14 18.36
N LEU B 45 -9.13 17.07 18.42
CA LEU B 45 -8.43 16.63 19.61
C LEU B 45 -8.33 17.75 20.65
N GLU B 46 -8.50 17.38 21.92
CA GLU B 46 -8.39 18.30 23.04
C GLU B 46 -7.53 17.68 24.13
N TRP B 47 -6.45 18.35 24.51
CA TRP B 47 -5.61 17.87 25.58
C TRP B 47 -6.39 17.98 26.91
N VAL B 48 -6.29 16.95 27.76
CA VAL B 48 -7.01 16.90 29.03
C VAL B 48 -6.05 16.97 30.22
N ALA B 49 -5.12 16.03 30.31
CA ALA B 49 -4.22 15.94 31.45
C ALA B 49 -2.89 15.33 31.10
N TRP B 50 -1.91 15.53 31.99
CA TRP B 50 -0.54 15.03 31.81
C TRP B 50 0.09 14.77 33.16
N ILE B 51 0.87 13.70 33.26
CA ILE B 51 1.73 13.45 34.42
C ILE B 51 3.16 13.26 33.91
N SER B 52 4.09 14.00 34.52
CA SER B 52 5.49 13.98 34.08
C SER B 52 6.17 12.64 34.36
N PRO B 53 7.27 12.33 33.62
CA PRO B 53 7.95 11.02 33.68
C PRO B 53 8.24 10.44 35.06
N ASN B 54 8.46 11.32 36.05
CA ASN B 54 9.03 10.95 37.33
C ASN B 54 7.98 11.11 38.45
N GLY B 55 6.72 11.29 38.09
CA GLY B 55 5.67 11.57 39.07
C GLY B 55 5.43 13.05 39.28
N GLY B 56 6.39 13.75 39.89
CA GLY B 56 6.24 15.17 40.24
C GLY B 56 5.81 16.01 39.06
N SER B 57 4.98 17.02 39.32
CA SER B 57 4.23 17.78 38.29
C SER B 57 3.18 17.01 37.45
N THR B 58 1.92 17.33 37.75
CA THR B 58 0.79 16.99 36.90
C THR B 58 0.32 18.28 36.27
N ASP B 59 -0.65 18.16 35.36
CA ASP B 59 -1.18 19.33 34.65
C ASP B 59 -2.51 19.01 33.96
N TYR B 60 -3.36 20.03 33.85
CA TYR B 60 -4.75 19.86 33.42
C TYR B 60 -5.23 20.98 32.51
N ASN B 61 -6.19 20.66 31.64
CA ASN B 61 -6.91 21.67 30.87
C ASN B 61 -7.79 22.45 31.82
N ASP B 62 -7.96 23.76 31.58
CA ASP B 62 -8.82 24.60 32.43
C ASP B 62 -10.28 24.16 32.47
N LYS B 63 -10.74 23.49 31.41
CA LYS B 63 -12.07 22.92 31.38
C LYS B 63 -12.28 21.85 32.47
N VAL B 64 -11.20 21.18 32.84
CA VAL B 64 -11.19 20.02 33.70
C VAL B 64 -10.48 20.21 35.05
N LYS B 65 -9.75 21.33 35.19
CA LYS B 65 -8.99 21.65 36.40
C LYS B 65 -9.94 21.71 37.61
N GLY B 66 -9.48 21.14 38.72
CA GLY B 66 -10.29 21.02 39.93
C GLY B 66 -11.11 19.74 39.99
N ARG B 67 -11.59 19.30 38.83
CA ARG B 67 -12.44 18.12 38.71
C ARG B 67 -11.65 16.84 38.42
N ALA B 68 -10.41 16.94 37.93
CA ALA B 68 -9.65 15.75 37.52
C ALA B 68 -8.43 15.46 38.36
N THR B 69 -8.13 14.17 38.47
CA THR B 69 -6.96 13.66 39.14
C THR B 69 -6.29 12.68 38.19
N ILE B 70 -5.06 12.98 37.77
CA ILE B 70 -4.23 12.01 37.04
C ILE B 70 -3.15 11.44 37.96
N THR B 71 -3.08 10.12 38.04
CA THR B 71 -2.08 9.42 38.85
C THR B 71 -1.48 8.27 38.03
N ARG B 72 -0.33 7.77 38.48
CA ARG B 72 0.34 6.62 37.87
C ARG B 72 0.90 5.69 38.95
N ASP B 73 0.77 4.39 38.70
CA ASP B 73 1.34 3.34 39.55
C ASP B 73 2.52 2.72 38.80
N THR B 74 3.74 3.10 39.22
CA THR B 74 5.00 2.63 38.61
C THR B 74 5.19 1.11 38.69
N SER B 75 4.67 0.49 39.75
CA SER B 75 4.77 -0.96 39.96
C SER B 75 3.94 -1.76 38.94
N SER B 76 2.66 -1.41 38.79
CA SER B 76 1.77 -2.06 37.81
C SER B 76 1.86 -1.49 36.39
N ASN B 77 2.69 -0.45 36.19
CA ASN B 77 2.92 0.17 34.88
C ASN B 77 1.59 0.61 34.27
N THR B 78 0.85 1.40 35.06
CA THR B 78 -0.55 1.75 34.77
C THR B 78 -0.86 3.17 35.21
N ALA B 79 -1.59 3.92 34.40
CA ALA B 79 -1.99 5.30 34.74
C ALA B 79 -3.50 5.39 34.85
N TYR B 80 -3.96 6.39 35.62
CA TYR B 80 -5.39 6.58 35.92
C TYR B 80 -5.79 8.02 35.68
N LEU B 81 -7.01 8.22 35.17
CA LEU B 81 -7.63 9.54 35.14
C LEU B 81 -8.98 9.44 35.82
N GLN B 82 -9.07 9.98 37.02
CA GLN B 82 -10.33 10.13 37.74
C GLN B 82 -10.86 11.50 37.42
N MET B 83 -12.17 11.62 37.23
CA MET B 83 -12.78 12.94 36.99
C MET B 83 -14.20 12.98 37.55
N SER B 84 -14.52 14.11 38.17
CA SER B 84 -15.76 14.29 38.97
C SER B 84 -16.64 15.39 38.40
N SER B 85 -17.85 15.48 38.95
CA SER B 85 -18.83 16.51 38.59
C SER B 85 -19.00 16.61 37.08
N LEU B 86 -19.14 15.44 36.45
CA LEU B 86 -19.14 15.33 35.00
C LEU B 86 -20.37 15.97 34.38
N THR B 87 -20.18 16.64 33.26
CA THR B 87 -21.27 17.31 32.53
C THR B 87 -21.33 16.70 31.14
N SER B 88 -22.35 17.04 30.37
CA SER B 88 -22.44 16.58 28.98
C SER B 88 -21.31 17.09 28.08
N GLU B 89 -20.73 18.24 28.42
CA GLU B 89 -19.54 18.75 27.71
C GLU B 89 -18.28 17.91 27.98
N ASP B 90 -18.34 16.94 28.89
CA ASP B 90 -17.27 15.93 29.06
C ASP B 90 -17.49 14.64 28.27
N THR B 91 -18.62 14.54 27.57
CA THR B 91 -18.93 13.37 26.75
C THR B 91 -17.95 13.36 25.59
N ALA B 92 -17.13 12.32 25.52
CA ALA B 92 -16.06 12.23 24.52
C ALA B 92 -15.39 10.86 24.53
N VAL B 93 -14.60 10.60 23.51
CA VAL B 93 -13.74 9.43 23.45
C VAL B 93 -12.44 9.86 24.10
N TYR B 94 -12.13 9.25 25.26
CA TYR B 94 -10.92 9.58 26.00
C TYR B 94 -9.78 8.68 25.55
N TYR B 95 -8.73 9.31 25.04
CA TYR B 95 -7.54 8.64 24.53
C TYR B 95 -6.44 8.74 25.57
N CYS B 96 -5.68 7.66 25.67
CA CYS B 96 -4.53 7.56 26.56
C CYS B 96 -3.30 7.52 25.69
N ALA B 97 -2.32 8.37 25.96
CA ALA B 97 -1.12 8.42 25.14
C ALA B 97 0.14 8.49 25.97
N ARG B 98 1.25 8.05 25.38
CA ARG B 98 2.54 8.01 26.06
C ARG B 98 3.66 8.19 25.08
N GLY B 99 4.76 8.80 25.54
CA GLY B 99 5.99 8.82 24.73
C GLY B 99 7.02 9.83 25.14
N TRP B 100 8.20 9.72 24.55
CA TRP B 100 9.25 10.69 24.74
C TRP B 100 9.42 11.50 23.45
N GLY B 101 9.11 12.80 23.51
CA GLY B 101 9.23 13.73 22.39
C GLY B 101 7.85 14.23 22.00
N GLY B 102 7.13 13.37 21.30
CA GLY B 102 5.70 13.50 21.08
C GLY B 102 4.94 12.38 21.80
N MET B 103 3.70 12.20 21.37
CA MET B 103 2.82 11.18 21.90
C MET B 103 2.80 10.02 20.89
N ARG B 104 3.69 9.06 21.05
CA ARG B 104 3.91 8.05 19.98
C ARG B 104 3.12 6.75 20.11
N TYR B 105 2.76 6.35 21.33
CA TYR B 105 1.90 5.19 21.55
C TYR B 105 0.56 5.67 22.07
N TRP B 106 -0.53 5.27 21.39
CA TRP B 106 -1.90 5.59 21.79
C TRP B 106 -2.70 4.33 22.07
N GLY B 107 -3.70 4.46 22.93
CA GLY B 107 -4.70 3.41 23.12
C GLY B 107 -5.78 3.63 22.08
N GLN B 108 -6.64 2.62 21.92
CA GLN B 108 -7.68 2.69 20.87
C GLN B 108 -8.79 3.68 21.18
N GLY B 109 -8.91 4.11 22.44
CA GLY B 109 -9.88 5.12 22.89
C GLY B 109 -10.93 4.45 23.74
N THR B 110 -11.62 5.23 24.58
CA THR B 110 -12.75 4.73 25.36
C THR B 110 -13.85 5.80 25.51
N THR B 111 -15.06 5.48 25.05
CA THR B 111 -16.18 6.45 25.02
C THR B 111 -16.74 6.60 26.41
N VAL B 112 -16.85 7.85 26.87
CA VAL B 112 -17.56 8.19 28.09
C VAL B 112 -18.75 9.04 27.66
N THR B 113 -19.94 8.63 28.09
CA THR B 113 -21.18 9.28 27.68
C THR B 113 -21.90 9.79 28.91
N VAL B 114 -21.93 11.10 29.09
CA VAL B 114 -22.58 11.72 30.25
C VAL B 114 -24.02 12.04 29.89
N SER B 115 -24.95 11.26 30.43
CA SER B 115 -26.37 11.40 30.10
C SER B 115 -27.24 10.67 31.10
N SER B 116 -28.37 11.27 31.46
CA SER B 116 -29.38 10.61 32.28
C SER B 116 -30.39 9.82 31.44
N ALA B 117 -30.20 9.76 30.13
CA ALA B 117 -30.94 8.85 29.24
C ALA B 117 -30.70 7.37 29.58
N SER B 118 -31.70 6.55 29.27
CA SER B 118 -31.66 5.13 29.58
C SER B 118 -30.98 4.36 28.46
N THR B 119 -30.32 3.26 28.80
CA THR B 119 -29.73 2.41 27.78
C THR B 119 -30.89 1.70 27.09
N LYS B 120 -30.84 1.67 25.77
CA LYS B 120 -31.90 1.12 24.97
C LYS B 120 -31.29 0.38 23.79
N GLY B 121 -31.72 -0.86 23.61
CA GLY B 121 -31.29 -1.67 22.48
C GLY B 121 -31.98 -1.26 21.19
N PRO B 122 -31.31 -1.47 20.04
CA PRO B 122 -31.86 -1.09 18.76
C PRO B 122 -32.92 -2.07 18.25
N SER B 123 -33.79 -1.57 17.38
CA SER B 123 -34.64 -2.41 16.55
C SER B 123 -33.96 -2.43 15.18
N VAL B 124 -33.91 -3.62 14.56
CA VAL B 124 -33.18 -3.81 13.31
C VAL B 124 -34.12 -4.21 12.18
N PHE B 125 -34.32 -3.27 11.25
CA PHE B 125 -35.25 -3.45 10.15
C PHE B 125 -34.50 -3.63 8.85
N PRO B 126 -35.09 -4.36 7.88
CA PRO B 126 -34.43 -4.59 6.61
C PRO B 126 -34.59 -3.41 5.67
N LEU B 127 -33.60 -3.24 4.80
CA LEU B 127 -33.69 -2.35 3.66
C LEU B 127 -33.71 -3.31 2.50
N ALA B 128 -34.91 -3.72 2.11
CA ALA B 128 -35.08 -4.78 1.13
C ALA B 128 -34.91 -4.24 -0.28
N PRO B 129 -34.24 -5.01 -1.17
CA PRO B 129 -34.06 -4.59 -2.55
C PRO B 129 -35.32 -4.74 -3.42
N SER B 130 -35.24 -4.21 -4.65
CA SER B 130 -36.19 -4.53 -5.73
C SER B 130 -35.90 -5.99 -6.17
N SER B 131 -36.84 -6.79 -6.72
CA SER B 131 -38.11 -6.42 -7.43
C SER B 131 -37.90 -5.49 -8.65
N LYS B 132 -36.68 -5.50 -9.22
CA LYS B 132 -36.15 -4.45 -10.12
C LYS B 132 -37.16 -3.44 -10.65
N GLY B 136 -31.97 -3.42 -12.70
CA GLY B 136 -30.75 -3.15 -13.46
C GLY B 136 -29.85 -4.38 -13.54
N GLY B 137 -28.57 -4.19 -13.24
CA GLY B 137 -27.56 -5.27 -13.20
C GLY B 137 -26.96 -5.63 -11.84
N THR B 138 -27.15 -4.78 -10.83
CA THR B 138 -26.56 -4.97 -9.49
C THR B 138 -27.53 -4.48 -8.41
N ALA B 139 -27.80 -5.33 -7.42
CA ALA B 139 -28.78 -5.01 -6.37
C ALA B 139 -28.13 -4.37 -5.13
N ALA B 140 -28.92 -3.62 -4.36
CA ALA B 140 -28.45 -3.02 -3.09
C ALA B 140 -29.43 -3.32 -1.98
N LEU B 141 -28.90 -3.74 -0.84
CA LEU B 141 -29.70 -4.13 0.31
C LEU B 141 -29.01 -3.70 1.60
N GLY B 142 -29.74 -3.66 2.70
CA GLY B 142 -29.15 -3.24 3.97
C GLY B 142 -29.97 -3.48 5.22
N CYS B 143 -29.45 -2.97 6.34
CA CYS B 143 -30.14 -3.00 7.63
C CYS B 143 -30.17 -1.61 8.23
N LEU B 144 -31.32 -1.26 8.79
CA LEU B 144 -31.50 -0.04 9.56
C LEU B 144 -31.47 -0.44 11.01
N VAL B 145 -30.62 0.22 11.79
CA VAL B 145 -30.48 -0.02 13.23
C VAL B 145 -31.02 1.22 13.91
N LYS B 146 -32.26 1.14 14.41
CA LYS B 146 -32.98 2.31 14.94
C LYS B 146 -33.08 2.34 16.44
N ASP B 147 -33.03 3.55 16.98
CA ASP B 147 -33.49 3.85 18.33
C ASP B 147 -32.69 3.11 19.41
N TYR B 148 -31.38 3.30 19.39
CA TYR B 148 -30.51 2.75 20.42
C TYR B 148 -29.78 3.85 21.16
N PHE B 149 -29.35 3.55 22.39
CA PHE B 149 -28.54 4.47 23.19
C PHE B 149 -27.82 3.70 24.28
N PRO B 150 -26.58 4.07 24.65
CA PRO B 150 -25.73 5.04 23.95
C PRO B 150 -25.02 4.40 22.78
N GLU B 151 -24.00 5.04 22.22
CA GLU B 151 -23.11 4.39 21.26
C GLU B 151 -22.19 3.41 22.02
N PRO B 152 -21.56 2.44 21.34
CA PRO B 152 -21.62 2.22 19.90
C PRO B 152 -22.40 1.00 19.49
N VAL B 153 -22.56 0.87 18.18
CA VAL B 153 -23.19 -0.27 17.55
C VAL B 153 -22.22 -0.80 16.49
N THR B 154 -22.32 -2.11 16.25
CA THR B 154 -21.41 -2.87 15.42
C THR B 154 -22.20 -3.65 14.38
N VAL B 155 -21.87 -3.49 13.11
CA VAL B 155 -22.55 -4.21 12.04
C VAL B 155 -21.52 -4.91 11.16
N SER B 156 -21.64 -6.23 11.05
CA SER B 156 -20.91 -6.99 10.04
C SER B 156 -21.92 -7.70 9.17
N TRP B 157 -21.47 -8.28 8.07
CA TRP B 157 -22.33 -9.04 7.16
C TRP B 157 -21.84 -10.48 7.00
N ASN B 158 -22.77 -11.43 7.11
CA ASN B 158 -22.48 -12.87 7.02
C ASN B 158 -21.31 -13.24 7.94
N SER B 159 -21.41 -12.78 9.19
CA SER B 159 -20.41 -13.00 10.24
C SER B 159 -18.99 -12.52 9.86
N GLY B 160 -18.90 -11.45 9.07
CA GLY B 160 -17.61 -10.93 8.59
C GLY B 160 -17.09 -11.55 7.29
N ALA B 161 -17.77 -12.58 6.80
CA ALA B 161 -17.39 -13.25 5.54
C ALA B 161 -17.63 -12.39 4.30
N LEU B 162 -18.59 -11.46 4.39
CA LEU B 162 -18.89 -10.49 3.32
C LEU B 162 -18.44 -9.10 3.75
N THR B 163 -17.34 -8.64 3.17
CA THR B 163 -16.80 -7.31 3.40
C THR B 163 -16.83 -6.39 2.18
N SER B 164 -16.89 -6.97 0.98
CA SER B 164 -16.77 -6.18 -0.23
C SER B 164 -18.14 -5.56 -0.54
N GLY B 165 -18.15 -4.30 -0.97
CA GLY B 165 -19.42 -3.61 -1.27
C GLY B 165 -20.18 -3.08 -0.07
N VAL B 166 -19.67 -3.31 1.13
CA VAL B 166 -20.31 -2.87 2.37
C VAL B 166 -19.99 -1.41 2.68
N HIS B 167 -21.02 -0.61 2.91
CA HIS B 167 -20.87 0.71 3.50
C HIS B 167 -21.70 0.75 4.77
N THR B 168 -21.03 0.85 5.93
CA THR B 168 -21.70 1.06 7.22
C THR B 168 -21.58 2.54 7.62
N PHE B 169 -22.72 3.20 7.71
CA PHE B 169 -22.75 4.65 7.83
C PHE B 169 -22.55 5.11 9.27
N PRO B 170 -22.05 6.35 9.47
CA PRO B 170 -21.97 6.90 10.80
C PRO B 170 -23.33 7.06 11.44
N ALA B 171 -23.37 6.82 12.75
CA ALA B 171 -24.60 6.97 13.51
C ALA B 171 -25.05 8.42 13.51
N VAL B 172 -26.34 8.61 13.70
CA VAL B 172 -26.96 9.93 13.67
C VAL B 172 -27.78 10.08 14.93
N LEU B 173 -27.58 11.18 15.64
CA LEU B 173 -28.35 11.47 16.84
C LEU B 173 -29.66 12.11 16.41
N GLN B 174 -30.75 11.42 16.71
CA GLN B 174 -32.08 11.87 16.28
C GLN B 174 -32.61 12.92 17.27
N SER B 175 -33.71 13.55 16.88
CA SER B 175 -34.41 14.52 17.73
C SER B 175 -34.91 13.90 19.02
N SER B 176 -35.18 12.58 19.01
CA SER B 176 -35.54 11.85 20.23
C SER B 176 -34.40 11.69 21.23
N GLY B 177 -33.16 11.86 20.77
CA GLY B 177 -31.99 11.64 21.60
C GLY B 177 -31.49 10.22 21.50
N LEU B 178 -32.17 9.39 20.71
CA LEU B 178 -31.71 8.06 20.39
C LEU B 178 -30.91 8.09 19.09
N TYR B 179 -29.97 7.16 18.99
CA TYR B 179 -29.12 7.03 17.82
C TYR B 179 -29.78 6.13 16.81
N SER B 180 -29.29 6.22 15.59
CA SER B 180 -29.71 5.33 14.52
C SER B 180 -28.65 5.29 13.41
N LEU B 181 -28.43 4.11 12.82
CA LEU B 181 -27.55 4.01 11.65
C LEU B 181 -27.99 2.94 10.67
N SER B 182 -27.54 3.11 9.43
CA SER B 182 -27.82 2.16 8.37
C SER B 182 -26.49 1.53 7.88
N SER B 183 -26.52 0.23 7.59
CA SER B 183 -25.43 -0.43 6.91
C SER B 183 -25.99 -1.07 5.66
N VAL B 184 -25.32 -0.86 4.53
CA VAL B 184 -25.77 -1.38 3.24
C VAL B 184 -24.67 -2.14 2.53
N VAL B 185 -25.07 -2.98 1.59
CA VAL B 185 -24.15 -3.72 0.74
C VAL B 185 -24.75 -3.87 -0.66
N THR B 186 -23.92 -3.65 -1.66
CA THR B 186 -24.27 -3.88 -3.06
C THR B 186 -23.78 -5.26 -3.45
N VAL B 187 -24.66 -6.03 -4.08
CA VAL B 187 -24.39 -7.42 -4.46
C VAL B 187 -24.89 -7.70 -5.88
N PRO B 188 -24.41 -8.79 -6.48
CA PRO B 188 -24.99 -9.24 -7.75
C PRO B 188 -26.46 -9.64 -7.59
N SER B 189 -27.33 -9.05 -8.42
CA SER B 189 -28.76 -9.41 -8.44
C SER B 189 -28.99 -10.88 -8.79
N SER B 190 -28.12 -11.47 -9.61
CA SER B 190 -28.18 -12.90 -9.94
C SER B 190 -28.01 -13.82 -8.73
N SER B 191 -27.30 -13.36 -7.71
CA SER B 191 -27.08 -14.15 -6.49
C SER B 191 -28.12 -13.95 -5.35
N LEU B 192 -29.18 -13.16 -5.58
CA LEU B 192 -30.26 -13.00 -4.59
C LEU B 192 -31.06 -14.28 -4.37
N GLY B 193 -31.30 -15.03 -5.44
CA GLY B 193 -31.93 -16.34 -5.34
C GLY B 193 -31.10 -17.33 -4.55
N THR B 194 -29.80 -17.42 -4.89
CA THR B 194 -28.92 -18.43 -4.30
C THR B 194 -28.50 -18.05 -2.87
N GLN B 195 -27.77 -16.95 -2.73
CA GLN B 195 -27.06 -16.65 -1.49
C GLN B 195 -27.90 -15.83 -0.52
N THR B 196 -27.74 -16.11 0.78
CA THR B 196 -28.37 -15.33 1.85
C THR B 196 -27.44 -14.24 2.40
N TYR B 197 -28.06 -13.14 2.82
CA TYR B 197 -27.36 -11.99 3.35
C TYR B 197 -27.96 -11.66 4.71
N ILE B 198 -27.13 -11.79 5.74
CA ILE B 198 -27.52 -11.54 7.13
C ILE B 198 -26.61 -10.45 7.70
N CYS B 199 -27.19 -9.37 8.21
CA CYS B 199 -26.44 -8.36 8.94
C CYS B 199 -26.42 -8.73 10.44
N ASN B 200 -25.24 -8.63 11.04
CA ASN B 200 -25.01 -9.01 12.42
C ASN B 200 -24.85 -7.72 13.20
N VAL B 201 -25.81 -7.40 14.04
CA VAL B 201 -25.79 -6.20 14.84
C VAL B 201 -25.49 -6.53 16.29
N ASN B 202 -24.74 -5.68 16.96
CA ASN B 202 -24.42 -5.88 18.33
C ASN B 202 -24.38 -4.54 18.98
N HIS B 203 -25.21 -4.33 19.99
CA HIS B 203 -25.20 -3.12 20.77
C HIS B 203 -24.81 -3.62 22.10
N LYS B 204 -23.55 -3.56 22.42
CA LYS B 204 -23.05 -4.07 23.66
C LYS B 204 -23.68 -3.45 24.88
N PRO B 205 -23.79 -2.14 24.93
CA PRO B 205 -24.35 -1.45 26.06
C PRO B 205 -25.64 -1.95 26.60
N SER B 206 -26.49 -2.52 25.77
CA SER B 206 -27.80 -3.05 26.15
C SER B 206 -27.86 -4.57 26.12
N ASN B 207 -26.72 -5.23 25.88
CA ASN B 207 -26.66 -6.69 25.72
C ASN B 207 -27.44 -7.20 24.48
N THR B 208 -27.71 -6.31 23.52
CA THR B 208 -28.48 -6.64 22.34
C THR B 208 -27.56 -7.17 21.25
N LYS B 209 -27.96 -8.28 20.66
CA LYS B 209 -27.17 -8.99 19.65
C LYS B 209 -28.22 -9.57 18.71
N VAL B 210 -28.27 -9.09 17.47
CA VAL B 210 -29.34 -9.44 16.53
C VAL B 210 -28.74 -9.84 15.18
N ASP B 211 -29.29 -10.91 14.58
CA ASP B 211 -29.03 -11.27 13.18
C ASP B 211 -30.30 -11.04 12.36
N LYS B 212 -30.21 -10.18 11.35
CA LYS B 212 -31.34 -9.91 10.47
C LYS B 212 -31.00 -10.37 9.07
N ARG B 213 -31.79 -11.29 8.54
CA ARG B 213 -31.67 -11.71 7.15
C ARG B 213 -32.45 -10.74 6.29
N VAL B 214 -31.89 -10.44 5.12
CA VAL B 214 -32.51 -9.48 4.22
C VAL B 214 -32.78 -10.15 2.88
N GLU B 215 -34.06 -10.25 2.50
CA GLU B 215 -34.50 -10.79 1.21
C GLU B 215 -35.42 -9.78 0.51
N PRO B 216 -35.66 -9.96 -0.80
CA PRO B 216 -36.54 -9.02 -1.50
C PRO B 216 -38.04 -9.21 -1.17
N LYS B 217 -38.67 -8.12 -0.74
CA LYS B 217 -40.15 -7.94 -0.58
C LYS B 217 -40.42 -6.97 0.57
N ASP C 1 11.12 15.05 -31.72
CA ASP C 1 10.97 14.00 -30.67
C ASP C 1 9.69 14.22 -29.86
N ILE C 2 8.87 13.17 -29.77
CA ILE C 2 7.66 13.19 -28.96
C ILE C 2 8.03 12.69 -27.55
N VAL C 3 8.27 13.62 -26.63
CA VAL C 3 8.67 13.29 -25.25
C VAL C 3 7.44 12.86 -24.43
N LEU C 4 7.45 11.61 -23.96
CA LEU C 4 6.39 11.08 -23.10
C LEU C 4 6.74 11.18 -21.60
N THR C 5 6.03 12.05 -20.87
CA THR C 5 6.16 12.13 -19.43
C THR C 5 5.12 11.25 -18.75
N GLN C 6 5.60 10.30 -17.94
CA GLN C 6 4.78 9.30 -17.30
C GLN C 6 4.77 9.55 -15.78
N THR C 7 3.59 9.56 -15.17
CA THR C 7 3.44 9.83 -13.73
C THR C 7 2.32 8.98 -13.12
N PRO C 8 2.40 8.65 -11.82
CA PRO C 8 3.55 8.96 -10.94
C PRO C 8 4.71 8.01 -11.20
N LEU C 9 5.89 8.33 -10.65
CA LEU C 9 7.10 7.51 -10.90
C LEU C 9 7.03 6.18 -10.16
N THR C 10 6.61 6.22 -8.89
CA THR C 10 6.31 4.99 -8.14
C THR C 10 4.87 5.05 -7.62
N LEU C 11 4.34 3.89 -7.25
CA LEU C 11 2.95 3.79 -6.79
C LEU C 11 2.70 2.46 -6.06
N PRO C 12 2.58 2.49 -4.70
CA PRO C 12 2.15 1.30 -3.95
C PRO C 12 0.64 1.26 -3.70
N VAL C 13 0.03 0.10 -3.92
CA VAL C 13 -1.43 -0.05 -3.97
C VAL C 13 -1.84 -1.43 -3.43
N SER C 14 -2.97 -1.47 -2.71
CA SER C 14 -3.47 -2.72 -2.13
C SER C 14 -4.22 -3.57 -3.19
N PRO C 15 -4.22 -4.92 -3.03
CA PRO C 15 -5.08 -5.77 -3.84
C PRO C 15 -6.56 -5.40 -3.70
N GLY C 16 -7.27 -5.35 -4.83
CA GLY C 16 -8.65 -4.85 -4.85
C GLY C 16 -8.75 -3.37 -5.24
N GLN C 17 -7.75 -2.56 -4.87
CA GLN C 17 -7.79 -1.10 -5.11
C GLN C 17 -7.64 -0.73 -6.59
N ARG C 18 -7.99 0.52 -6.91
CA ARG C 18 -7.80 1.07 -8.25
C ARG C 18 -6.43 1.73 -8.36
N ALA C 19 -5.67 1.39 -9.41
CA ALA C 19 -4.40 2.05 -9.70
C ALA C 19 -4.55 2.73 -11.05
N THR C 20 -4.23 4.02 -11.12
CA THR C 20 -4.29 4.77 -12.37
C THR C 20 -2.92 5.37 -12.67
N ILE C 21 -2.27 4.86 -13.72
CA ILE C 21 -1.01 5.40 -14.25
C ILE C 21 -1.37 6.27 -15.45
N SER C 22 -0.71 7.41 -15.59
CA SER C 22 -0.97 8.32 -16.72
C SER C 22 0.31 8.67 -17.49
N CYS C 23 0.12 8.99 -18.76
CA CYS C 23 1.20 9.30 -19.71
C CYS C 23 0.78 10.51 -20.56
N ARG C 24 1.62 11.54 -20.56
CA ARG C 24 1.36 12.75 -21.33
C ARG C 24 2.43 12.93 -22.41
N ALA C 25 1.97 13.04 -23.66
CA ALA C 25 2.84 13.26 -24.82
C ALA C 25 3.05 14.75 -25.11
N SER C 26 4.28 15.13 -25.46
CA SER C 26 4.63 16.52 -25.75
C SER C 26 3.85 17.13 -26.93
N GLN C 27 3.31 16.27 -27.79
CA GLN C 27 2.37 16.67 -28.83
C GLN C 27 1.44 15.49 -29.20
N SER C 28 0.48 15.73 -30.10
CA SER C 28 -0.53 14.73 -30.41
C SER C 28 0.04 13.46 -31.04
N VAL C 29 -0.54 12.31 -30.70
CA VAL C 29 -0.14 11.01 -31.27
C VAL C 29 -1.20 10.39 -32.19
N ASP C 30 -2.08 11.23 -32.73
CA ASP C 30 -3.34 10.79 -33.37
C ASP C 30 -3.36 10.90 -34.90
N TYR C 31 -4.10 9.98 -35.53
CA TYR C 31 -4.58 10.14 -36.92
C TYR C 31 -5.94 9.46 -37.06
N ARG C 32 -6.94 10.19 -37.58
CA ARG C 32 -8.35 9.73 -37.65
C ARG C 32 -8.82 9.29 -36.26
N GLY C 33 -9.55 8.17 -36.16
CA GLY C 33 -9.98 7.64 -34.86
C GLY C 33 -8.85 7.10 -33.98
N TYR C 34 -7.71 6.78 -34.58
CA TYR C 34 -6.65 6.05 -33.90
C TYR C 34 -5.72 6.98 -33.14
N SER C 35 -5.38 6.59 -31.91
CA SER C 35 -4.30 7.20 -31.14
C SER C 35 -3.20 6.16 -30.96
N PHE C 36 -2.00 6.44 -31.46
CA PHE C 36 -0.95 5.43 -31.51
C PHE C 36 -0.13 5.40 -30.21
N MET C 37 -0.77 4.91 -29.15
CA MET C 37 -0.17 4.83 -27.81
C MET C 37 -0.29 3.42 -27.23
N GLN C 38 0.84 2.88 -26.79
CA GLN C 38 0.92 1.51 -26.30
C GLN C 38 1.29 1.51 -24.82
N TRP C 39 0.91 0.43 -24.15
CA TRP C 39 1.22 0.17 -22.76
C TRP C 39 1.88 -1.19 -22.61
N TYR C 40 3.00 -1.21 -21.92
CA TYR C 40 3.76 -2.43 -21.65
C TYR C 40 3.93 -2.65 -20.16
N GLN C 41 3.96 -3.92 -19.76
CA GLN C 41 4.22 -4.32 -18.38
C GLN C 41 5.51 -5.11 -18.39
N GLN C 42 6.49 -4.70 -17.60
CA GLN C 42 7.71 -5.50 -17.44
C GLN C 42 7.81 -5.96 -16.01
N LYS C 43 7.55 -7.26 -15.82
CA LYS C 43 7.91 -7.94 -14.59
C LYS C 43 9.41 -8.21 -14.71
N PRO C 44 10.12 -8.26 -13.56
CA PRO C 44 11.58 -8.32 -13.59
C PRO C 44 12.13 -9.68 -14.06
N GLY C 45 13.29 -9.65 -14.70
CA GLY C 45 13.88 -10.84 -15.33
C GLY C 45 13.07 -11.35 -16.50
N GLN C 46 12.57 -10.41 -17.30
CA GLN C 46 11.62 -10.71 -18.34
C GLN C 46 11.49 -9.55 -19.30
N PRO C 47 11.17 -9.85 -20.58
CA PRO C 47 10.92 -8.81 -21.55
C PRO C 47 9.58 -8.15 -21.30
N PRO C 48 9.41 -6.89 -21.74
CA PRO C 48 8.10 -6.27 -21.63
C PRO C 48 6.99 -7.04 -22.36
N LYS C 49 5.77 -6.93 -21.82
CA LYS C 49 4.58 -7.61 -22.35
C LYS C 49 3.58 -6.54 -22.76
N LEU C 50 3.06 -6.65 -23.99
CA LEU C 50 2.07 -5.70 -24.51
C LEU C 50 0.74 -5.88 -23.81
N LEU C 51 0.20 -4.79 -23.27
CA LEU C 51 -1.06 -4.80 -22.53
C LEU C 51 -2.19 -4.16 -23.32
N VAL C 52 -1.94 -2.94 -23.78
CA VAL C 52 -2.90 -2.18 -24.58
C VAL C 52 -2.15 -1.61 -25.77
N TYR C 53 -2.75 -1.69 -26.96
CA TYR C 53 -2.18 -1.07 -28.16
C TYR C 53 -3.20 -0.10 -28.78
N TRP C 54 -2.66 0.90 -29.49
CA TRP C 54 -3.45 1.98 -30.09
C TRP C 54 -4.47 2.58 -29.11
N GLY C 55 -3.95 3.14 -28.01
CA GLY C 55 -4.76 3.85 -27.02
C GLY C 55 -5.48 2.96 -26.02
N SER C 56 -6.41 2.16 -26.56
CA SER C 56 -7.40 1.44 -25.76
C SER C 56 -7.79 0.03 -26.28
N ASN C 57 -7.02 -0.58 -27.19
CA ASN C 57 -7.27 -1.97 -27.56
C ASN C 57 -6.58 -2.89 -26.56
N LEU C 58 -7.38 -3.54 -25.71
CA LEU C 58 -6.86 -4.52 -24.78
C LEU C 58 -6.31 -5.70 -25.56
N GLU C 59 -5.01 -5.93 -25.43
CA GLU C 59 -4.34 -7.06 -26.07
C GLU C 59 -5.00 -8.35 -25.65
N SER C 60 -5.17 -9.27 -26.60
CA SER C 60 -5.81 -10.56 -26.32
C SER C 60 -4.89 -11.40 -25.44
N GLY C 61 -5.48 -12.12 -24.49
CA GLY C 61 -4.74 -12.82 -23.44
C GLY C 61 -4.54 -12.03 -22.15
N VAL C 62 -4.72 -10.71 -22.20
CA VAL C 62 -4.61 -9.83 -21.03
C VAL C 62 -5.99 -9.70 -20.38
N PRO C 63 -6.07 -9.75 -19.04
CA PRO C 63 -7.39 -9.66 -18.39
C PRO C 63 -8.04 -8.26 -18.48
N ALA C 64 -9.36 -8.23 -18.42
CA ALA C 64 -10.15 -7.01 -18.63
C ALA C 64 -9.98 -5.96 -17.51
N ARG C 65 -9.50 -6.38 -16.33
CA ARG C 65 -9.20 -5.44 -15.23
C ARG C 65 -8.13 -4.39 -15.59
N PHE C 66 -7.34 -4.68 -16.62
CA PHE C 66 -6.53 -3.67 -17.30
C PHE C 66 -7.37 -3.00 -18.38
N SER C 67 -7.27 -1.68 -18.45
CA SER C 67 -7.83 -0.96 -19.59
C SER C 67 -7.14 0.39 -19.77
N GLY C 68 -6.82 0.68 -21.03
CA GLY C 68 -6.19 1.94 -21.43
C GLY C 68 -7.20 2.84 -22.07
N SER C 69 -6.92 4.13 -22.06
CA SER C 69 -7.80 5.14 -22.64
C SER C 69 -7.02 6.43 -22.87
N GLY C 70 -7.67 7.39 -23.52
CA GLY C 70 -7.08 8.71 -23.76
C GLY C 70 -7.12 9.14 -25.22
N SER C 71 -6.81 10.41 -25.44
CA SER C 71 -6.72 11.00 -26.78
C SER C 71 -5.64 12.08 -26.82
N GLY C 72 -5.22 12.41 -28.04
CA GLY C 72 -4.23 13.47 -28.30
C GLY C 72 -2.91 13.35 -27.56
N THR C 73 -2.87 13.96 -26.37
CA THR C 73 -1.70 13.96 -25.47
C THR C 73 -1.87 13.12 -24.19
N ASP C 74 -3.06 13.18 -23.57
CA ASP C 74 -3.29 12.57 -22.25
C ASP C 74 -3.87 11.15 -22.34
N PHE C 75 -3.08 10.16 -21.91
CA PHE C 75 -3.48 8.74 -21.86
C PHE C 75 -3.36 8.20 -20.45
N THR C 76 -4.20 7.20 -20.14
CA THR C 76 -4.20 6.58 -18.80
C THR C 76 -4.43 5.07 -18.89
N LEU C 77 -3.56 4.30 -18.22
CA LEU C 77 -3.75 2.88 -17.98
C LEU C 77 -4.34 2.74 -16.59
N THR C 78 -5.51 2.11 -16.49
CA THR C 78 -6.12 1.86 -15.19
C THR C 78 -6.18 0.36 -14.94
N ILE C 79 -5.97 -0.02 -13.69
CA ILE C 79 -6.01 -1.40 -13.23
C ILE C 79 -7.01 -1.43 -12.07
N HIS C 80 -8.03 -2.28 -12.17
CA HIS C 80 -9.08 -2.36 -11.13
C HIS C 80 -9.89 -3.64 -11.30
N PRO C 81 -9.78 -4.60 -10.37
CA PRO C 81 -8.93 -4.54 -9.17
C PRO C 81 -7.44 -4.81 -9.43
N VAL C 82 -6.56 -4.16 -8.67
CA VAL C 82 -5.13 -4.52 -8.66
C VAL C 82 -5.01 -5.87 -7.95
N GLU C 83 -4.03 -6.69 -8.37
CA GLU C 83 -3.77 -8.00 -7.76
C GLU C 83 -2.28 -8.17 -7.43
N PRO C 84 -1.94 -9.13 -6.55
CA PRO C 84 -0.53 -9.27 -6.11
C PRO C 84 0.48 -9.54 -7.23
N GLU C 85 0.04 -10.23 -8.28
CA GLU C 85 0.84 -10.52 -9.48
C GLU C 85 1.14 -9.31 -10.37
N ASP C 86 0.34 -8.25 -10.21
CA ASP C 86 0.52 -7.01 -10.98
C ASP C 86 1.76 -6.21 -10.59
N PHE C 87 2.59 -6.69 -9.65
CA PHE C 87 3.91 -6.09 -9.40
C PHE C 87 4.73 -6.11 -10.69
N ALA C 88 5.24 -4.92 -11.05
CA ALA C 88 5.85 -4.66 -12.34
C ALA C 88 6.14 -3.18 -12.50
N THR C 89 6.95 -2.88 -13.52
CA THR C 89 7.11 -1.53 -14.02
C THR C 89 6.29 -1.42 -15.32
N TYR C 90 5.45 -0.39 -15.40
CA TYR C 90 4.59 -0.15 -16.56
C TYR C 90 5.15 1.00 -17.39
N PHE C 91 5.11 0.84 -18.72
CA PHE C 91 5.71 1.76 -19.69
C PHE C 91 4.70 2.14 -20.76
N CYS C 92 4.51 3.45 -20.98
CA CYS C 92 3.81 3.94 -22.18
C CYS C 92 4.81 4.10 -23.33
N GLN C 93 4.32 4.00 -24.57
CA GLN C 93 5.18 4.09 -25.76
C GLN C 93 4.39 4.63 -26.94
N GLN C 94 4.97 5.56 -27.69
CA GLN C 94 4.26 6.18 -28.82
C GLN C 94 4.78 5.67 -30.16
N SER C 95 3.87 5.36 -31.08
CA SER C 95 4.25 4.90 -32.44
C SER C 95 3.58 5.74 -33.54
N TYR C 96 3.53 7.06 -33.35
CA TYR C 96 2.93 7.99 -34.33
C TYR C 96 3.96 8.54 -35.32
N SER C 97 5.09 9.01 -34.80
CA SER C 97 6.20 9.51 -35.61
C SER C 97 7.55 9.17 -34.98
N THR C 98 8.54 8.88 -35.83
CA THR C 98 9.90 8.55 -35.39
C THR C 98 10.58 9.82 -34.83
N PRO C 99 11.51 9.68 -33.88
CA PRO C 99 11.88 8.43 -33.25
C PRO C 99 10.78 7.91 -32.31
N TRP C 100 10.60 6.60 -32.27
CA TRP C 100 9.66 6.00 -31.32
C TRP C 100 10.26 6.21 -29.95
N THR C 101 9.40 6.48 -28.96
CA THR C 101 9.86 6.83 -27.62
C THR C 101 8.98 6.20 -26.53
N PHE C 102 9.59 5.84 -25.42
CA PHE C 102 8.92 5.29 -24.28
C PHE C 102 8.89 6.33 -23.19
N GLY C 103 8.31 5.98 -22.07
CA GLY C 103 8.31 6.86 -20.94
C GLY C 103 9.22 6.28 -19.88
N GLY C 104 9.67 7.10 -18.96
CA GLY C 104 10.50 6.58 -17.89
C GLY C 104 9.42 6.12 -16.97
N GLY C 105 9.21 4.83 -16.93
CA GLY C 105 8.13 4.17 -16.21
C GLY C 105 7.58 4.37 -14.84
N THR C 106 6.60 3.55 -14.53
CA THR C 106 5.97 3.62 -13.23
C THR C 106 6.11 2.30 -12.54
N LYS C 107 6.64 2.34 -11.34
CA LYS C 107 6.89 1.12 -10.57
C LYS C 107 5.76 0.84 -9.59
N LEU C 108 5.00 -0.23 -9.86
CA LEU C 108 3.84 -0.61 -9.05
C LEU C 108 4.26 -1.57 -7.94
N GLU C 109 4.26 -1.09 -6.70
CA GLU C 109 4.51 -1.95 -5.52
C GLU C 109 3.14 -2.46 -5.01
N ILE C 110 3.12 -3.68 -4.45
CA ILE C 110 1.90 -4.20 -3.83
C ILE C 110 1.93 -3.98 -2.33
N LYS C 111 0.79 -3.58 -1.77
CA LYS C 111 0.68 -3.42 -0.31
C LYS C 111 0.10 -4.67 0.32
N ARG C 112 0.53 -4.95 1.54
CA ARG C 112 0.06 -6.11 2.28
C ARG C 112 0.31 -5.96 3.78
N THR C 113 -0.23 -6.90 4.55
CA THR C 113 -0.04 -6.94 5.99
C THR C 113 1.45 -7.13 6.32
N VAL C 114 1.83 -6.71 7.52
CA VAL C 114 3.22 -6.80 7.96
C VAL C 114 3.57 -8.27 8.20
N ALA C 115 4.77 -8.66 7.78
CA ALA C 115 5.24 -10.04 7.89
C ALA C 115 6.69 -10.03 8.34
N ALA C 116 6.96 -10.63 9.50
CA ALA C 116 8.32 -10.67 10.02
C ALA C 116 9.18 -11.59 9.17
N PRO C 117 10.49 -11.30 9.09
CA PRO C 117 11.42 -12.21 8.41
C PRO C 117 11.73 -13.43 9.25
N SER C 118 12.01 -14.55 8.57
CA SER C 118 12.57 -15.73 9.22
C SER C 118 14.08 -15.65 8.99
N VAL C 119 14.85 -15.57 10.07
CA VAL C 119 16.29 -15.34 9.97
C VAL C 119 17.04 -16.68 9.99
N PHE C 120 18.02 -16.77 9.10
CA PHE C 120 18.91 -17.92 9.03
C PHE C 120 20.34 -17.42 8.89
N ILE C 121 21.26 -18.06 9.62
CA ILE C 121 22.70 -17.79 9.46
C ILE C 121 23.40 -19.01 8.88
N PHE C 122 24.39 -18.73 8.02
CA PHE C 122 25.13 -19.76 7.31
C PHE C 122 26.62 -19.51 7.52
N PRO C 123 27.32 -20.48 8.13
CA PRO C 123 28.76 -20.33 8.26
C PRO C 123 29.48 -20.61 6.94
N PRO C 124 30.75 -20.20 6.82
CA PRO C 124 31.50 -20.51 5.61
C PRO C 124 31.80 -22.00 5.48
N SER C 125 31.87 -22.47 4.25
CA SER C 125 32.12 -23.88 3.96
C SER C 125 33.60 -24.18 4.18
N ASP C 126 33.92 -25.42 4.53
CA ASP C 126 35.31 -25.84 4.63
C ASP C 126 35.93 -25.76 3.24
N GLU C 127 35.16 -26.18 2.24
CA GLU C 127 35.40 -25.85 0.83
C GLU C 127 36.05 -24.45 0.62
N GLN C 128 35.37 -23.38 1.03
CA GLN C 128 35.82 -22.00 0.77
C GLN C 128 37.06 -21.62 1.56
N LEU C 129 37.07 -22.00 2.84
CA LEU C 129 38.18 -21.71 3.74
C LEU C 129 39.51 -22.25 3.24
N LYS C 130 39.51 -23.35 2.49
CA LYS C 130 40.74 -23.86 1.83
C LYS C 130 41.42 -22.80 0.96
N SER C 131 40.62 -22.01 0.26
CA SER C 131 41.11 -20.83 -0.47
C SER C 131 41.31 -19.66 0.52
N GLY C 132 41.49 -18.43 0.01
CA GLY C 132 41.79 -17.29 0.89
C GLY C 132 40.74 -16.84 1.91
N THR C 133 39.45 -17.03 1.61
CA THR C 133 38.38 -16.19 2.16
C THR C 133 37.30 -16.94 2.95
N ALA C 134 36.56 -16.19 3.77
CA ALA C 134 35.41 -16.69 4.52
C ALA C 134 34.22 -15.80 4.25
N SER C 135 33.14 -16.38 3.71
CA SER C 135 31.90 -15.65 3.47
C SER C 135 30.80 -16.17 4.40
N VAL C 136 30.19 -15.26 5.17
CA VAL C 136 29.16 -15.60 6.15
C VAL C 136 27.85 -14.95 5.75
N VAL C 137 26.81 -15.76 5.54
CA VAL C 137 25.57 -15.30 4.92
C VAL C 137 24.43 -15.33 5.94
N CYS C 138 23.78 -14.19 6.09
CA CYS C 138 22.59 -14.05 6.90
C CYS C 138 21.44 -13.83 5.93
N LEU C 139 20.35 -14.58 6.11
CA LEU C 139 19.19 -14.57 5.21
C LEU C 139 17.93 -14.17 5.95
N LEU C 140 17.33 -13.05 5.56
CA LEU C 140 16.03 -12.59 6.06
C LEU C 140 14.98 -12.97 5.04
N ASN C 141 14.09 -13.90 5.39
CA ASN C 141 13.22 -14.53 4.39
C ASN C 141 11.73 -14.19 4.52
N ASN C 142 11.17 -13.71 3.41
CA ASN C 142 9.73 -13.51 3.23
C ASN C 142 9.11 -12.56 4.25
N PHE C 143 9.43 -11.29 4.08
CA PHE C 143 9.02 -10.24 5.01
C PHE C 143 8.41 -9.05 4.27
N TYR C 144 7.61 -8.26 5.00
CA TYR C 144 7.08 -7.00 4.53
C TYR C 144 6.96 -6.07 5.73
N PRO C 145 7.31 -4.78 5.62
CA PRO C 145 7.78 -4.10 4.38
C PRO C 145 9.27 -4.27 4.12
N ARG C 146 9.79 -3.63 3.06
CA ARG C 146 11.16 -3.86 2.62
C ARG C 146 12.20 -3.38 3.64
N GLU C 147 11.91 -2.26 4.31
CA GLU C 147 12.87 -1.69 5.28
C GLU C 147 13.17 -2.65 6.43
N ALA C 148 14.41 -3.12 6.45
CA ALA C 148 14.94 -3.99 7.50
C ALA C 148 16.41 -3.66 7.68
N LYS C 149 16.91 -3.90 8.89
CA LYS C 149 18.26 -3.60 9.32
C LYS C 149 18.97 -4.85 9.67
N VAL C 150 20.23 -4.95 9.29
CA VAL C 150 21.00 -6.12 9.63
C VAL C 150 22.31 -5.63 10.17
N GLN C 151 22.72 -6.18 11.30
CA GLN C 151 23.94 -5.81 11.91
C GLN C 151 24.70 -7.06 12.24
N TRP C 152 25.98 -7.04 11.91
CA TRP C 152 26.83 -8.16 12.13
C TRP C 152 27.68 -7.91 13.32
N LYS C 153 27.88 -8.94 14.11
CA LYS C 153 28.75 -8.88 15.27
C LYS C 153 29.67 -10.10 15.30
N VAL C 154 30.94 -9.83 15.53
CA VAL C 154 31.98 -10.85 15.63
C VAL C 154 32.64 -10.69 17.00
N ASP C 155 32.51 -11.70 17.86
CA ASP C 155 32.90 -11.59 19.27
C ASP C 155 32.35 -10.30 19.89
N ASN C 156 31.07 -10.06 19.60
CA ASN C 156 30.28 -8.91 20.02
C ASN C 156 30.69 -7.52 19.48
N ALA C 157 31.74 -7.45 18.66
CA ALA C 157 32.14 -6.20 18.04
C ALA C 157 31.32 -5.98 16.78
N LEU C 158 30.62 -4.85 16.74
CA LEU C 158 29.86 -4.45 15.59
C LEU C 158 30.79 -4.32 14.39
N GLN C 159 30.44 -5.00 13.30
CA GLN C 159 31.16 -4.87 12.06
C GLN C 159 30.57 -3.75 11.25
N SER C 160 31.42 -3.06 10.51
CA SER C 160 30.94 -2.20 9.43
C SER C 160 32.03 -2.07 8.37
N GLY C 161 31.61 -1.92 7.12
CA GLY C 161 32.53 -1.82 5.98
C GLY C 161 32.75 -3.11 5.22
N ASN C 162 32.53 -4.26 5.86
CA ASN C 162 32.84 -5.58 5.28
C ASN C 162 31.59 -6.44 5.02
N SER C 163 30.43 -5.79 4.95
CA SER C 163 29.15 -6.47 4.72
C SER C 163 28.60 -5.95 3.40
N GLN C 164 27.86 -6.80 2.70
CA GLN C 164 27.16 -6.38 1.47
C GLN C 164 25.85 -7.12 1.36
N GLU C 165 24.78 -6.40 1.04
CA GLU C 165 23.49 -7.06 0.97
C GLU C 165 22.76 -6.79 -0.32
N SER C 166 21.99 -7.78 -0.77
CA SER C 166 21.02 -7.54 -1.83
C SER C 166 19.67 -8.10 -1.43
N VAL C 167 18.65 -7.62 -2.13
CA VAL C 167 17.26 -7.91 -1.84
C VAL C 167 16.56 -8.40 -3.11
N THR C 168 15.69 -9.39 -2.95
CA THR C 168 14.86 -9.87 -4.07
C THR C 168 13.81 -8.83 -4.44
N GLU C 169 13.23 -9.03 -5.62
CA GLU C 169 12.08 -8.25 -6.05
C GLU C 169 10.86 -8.78 -5.29
N GLN C 170 9.83 -7.95 -5.22
CA GLN C 170 8.61 -8.30 -4.48
C GLN C 170 7.92 -9.52 -5.11
N ASP C 171 7.58 -10.50 -4.26
CA ASP C 171 7.08 -11.80 -4.73
C ASP C 171 5.74 -11.68 -5.46
N SER C 172 5.61 -12.31 -6.63
CA SER C 172 4.36 -12.25 -7.41
C SER C 172 3.22 -13.03 -6.72
N LYS C 173 3.55 -14.13 -6.04
CA LYS C 173 2.54 -14.91 -5.28
C LYS C 173 2.09 -14.20 -4.00
N ASP C 174 3.03 -13.85 -3.11
CA ASP C 174 2.69 -13.37 -1.75
C ASP C 174 3.15 -11.95 -1.34
N SER C 175 3.72 -11.21 -2.28
CA SER C 175 4.12 -9.82 -2.08
C SER C 175 5.15 -9.55 -0.96
N THR C 176 6.00 -10.54 -0.65
CA THR C 176 7.08 -10.36 0.31
C THR C 176 8.41 -10.08 -0.37
N TYR C 177 9.34 -9.57 0.42
CA TYR C 177 10.73 -9.43 0.03
C TYR C 177 11.51 -10.49 0.77
N SER C 178 12.72 -10.75 0.29
CA SER C 178 13.73 -11.53 1.02
C SER C 178 15.07 -10.82 0.83
N LEU C 179 16.02 -11.02 1.73
CA LEU C 179 17.26 -10.23 1.74
C LEU C 179 18.40 -11.06 2.27
N SER C 180 19.59 -10.90 1.69
CA SER C 180 20.78 -11.60 2.14
C SER C 180 21.87 -10.57 2.41
N SER C 181 22.46 -10.66 3.60
CA SER C 181 23.64 -9.90 3.99
C SER C 181 24.82 -10.87 4.04
N THR C 182 25.92 -10.49 3.40
CA THR C 182 27.09 -11.36 3.26
C THR C 182 28.32 -10.66 3.85
N LEU C 183 28.76 -11.17 4.99
CA LEU C 183 29.97 -10.68 5.69
C LEU C 183 31.16 -11.40 5.14
N THR C 184 32.19 -10.65 4.75
CA THR C 184 33.34 -11.20 4.02
C THR C 184 34.62 -10.91 4.81
N LEU C 185 35.42 -11.95 5.05
CA LEU C 185 36.63 -11.88 5.88
C LEU C 185 37.75 -12.69 5.26
N SER C 186 38.99 -12.41 5.68
CA SER C 186 40.10 -13.32 5.39
C SER C 186 39.94 -14.56 6.27
N LYS C 187 40.46 -15.70 5.80
CA LYS C 187 40.48 -16.92 6.58
C LYS C 187 41.12 -16.60 7.93
N ALA C 188 42.29 -15.96 7.89
CA ALA C 188 43.02 -15.54 9.09
C ALA C 188 42.12 -14.83 10.11
N ASP C 189 41.46 -13.77 9.70
CA ASP C 189 40.60 -13.05 10.61
C ASP C 189 39.36 -13.81 10.92
N TYR C 190 39.07 -14.86 10.18
CA TYR C 190 37.88 -15.60 10.52
C TYR C 190 38.30 -16.46 11.66
N GLU C 191 39.41 -17.14 11.51
CA GLU C 191 39.91 -17.96 12.61
C GLU C 191 40.79 -17.06 13.38
N LYS C 192 40.19 -16.50 14.38
CA LYS C 192 40.76 -15.55 15.28
C LYS C 192 39.65 -15.48 16.27
N HIS C 193 38.46 -15.12 15.82
CA HIS C 193 37.31 -15.07 16.67
C HIS C 193 36.50 -16.35 16.65
N LYS C 194 35.52 -16.39 17.55
CA LYS C 194 34.66 -17.56 17.83
C LYS C 194 33.18 -17.35 17.46
N VAL C 195 32.57 -16.28 17.99
CA VAL C 195 31.12 -16.07 17.87
C VAL C 195 30.78 -15.13 16.71
N TYR C 196 29.93 -15.62 15.81
CA TYR C 196 29.44 -14.85 14.66
C TYR C 196 27.93 -14.73 14.73
N ALA C 197 27.41 -13.52 14.56
CA ALA C 197 25.97 -13.29 14.74
C ALA C 197 25.45 -12.19 13.84
N CYS C 198 24.26 -12.40 13.26
CA CYS C 198 23.51 -11.29 12.65
C CYS C 198 22.25 -10.99 13.45
N GLU C 199 22.06 -9.73 13.77
CA GLU C 199 20.89 -9.31 14.52
C GLU C 199 20.06 -8.46 13.63
N VAL C 200 18.81 -8.85 13.51
CA VAL C 200 17.89 -8.20 12.61
C VAL C 200 16.77 -7.46 13.27
N THR C 201 16.55 -6.23 12.83
CA THR C 201 15.49 -5.40 13.33
C THR C 201 14.52 -5.24 12.21
N HIS C 202 13.24 -5.45 12.47
CA HIS C 202 12.22 -5.33 11.44
C HIS C 202 10.90 -5.01 12.08
N GLN C 203 10.15 -4.11 11.48
CA GLN C 203 8.87 -3.64 12.01
C GLN C 203 7.98 -4.74 12.58
N GLY C 204 7.90 -5.85 11.86
CA GLY C 204 7.20 -7.04 12.32
C GLY C 204 7.80 -7.87 13.44
N LEU C 205 9.03 -7.56 13.86
CA LEU C 205 9.61 -8.16 15.07
C LEU C 205 9.45 -7.20 16.22
N SER C 206 8.99 -7.70 17.35
CA SER C 206 8.73 -6.87 18.55
C SER C 206 10.01 -6.42 19.26
N SER C 207 11.10 -7.16 19.03
CA SER C 207 12.45 -6.71 19.35
C SER C 207 13.41 -7.48 18.43
N PRO C 208 14.64 -6.98 18.21
CA PRO C 208 15.49 -7.58 17.18
C PRO C 208 15.79 -9.07 17.39
N VAL C 209 15.70 -9.85 16.32
CA VAL C 209 16.07 -11.27 16.35
C VAL C 209 17.56 -11.40 16.03
N THR C 210 18.26 -12.26 16.77
CA THR C 210 19.66 -12.59 16.50
C THR C 210 19.80 -14.08 16.19
N LYS C 211 20.52 -14.40 15.12
CA LYS C 211 20.91 -15.78 14.82
C LYS C 211 22.43 -15.82 14.75
N SER C 212 23.00 -16.88 15.33
CA SER C 212 24.44 -16.99 15.50
C SER C 212 24.96 -18.43 15.49
N PHE C 213 26.28 -18.55 15.35
CA PHE C 213 26.98 -19.81 15.51
C PHE C 213 28.35 -19.55 16.11
N ASN C 214 28.95 -20.63 16.59
CA ASN C 214 30.33 -20.64 17.04
C ASN C 214 31.18 -21.38 16.02
N ARG C 215 32.32 -20.82 15.67
CA ARG C 215 33.24 -21.45 14.73
C ARG C 215 33.63 -22.85 15.20
N GLY C 216 33.58 -23.83 14.31
CA GLY C 216 33.88 -25.23 14.64
C GLY C 216 32.65 -26.11 14.75
N GLU C 217 31.70 -25.74 15.61
CA GLU C 217 30.50 -26.56 15.89
C GLU C 217 29.57 -26.67 14.66
N CYS C 218 28.94 -27.85 14.47
CA CYS C 218 28.20 -28.19 13.23
C CYS C 218 27.06 -27.21 12.90
N GLN D 1 3.70 -21.77 -32.81
CA GLN D 1 4.01 -20.61 -31.91
C GLN D 1 4.75 -19.52 -32.70
N VAL D 2 4.85 -18.32 -32.12
CA VAL D 2 5.48 -17.16 -32.80
C VAL D 2 6.67 -16.60 -31.99
N GLN D 3 7.76 -17.37 -31.91
CA GLN D 3 8.91 -17.04 -31.04
C GLN D 3 10.00 -16.20 -31.72
N LEU D 4 10.77 -15.48 -30.89
CA LEU D 4 11.93 -14.68 -31.33
C LEU D 4 13.20 -15.09 -30.56
N GLN D 5 14.26 -15.47 -31.27
CA GLN D 5 15.55 -15.91 -30.66
C GLN D 5 16.67 -14.89 -30.90
N GLU D 6 17.21 -14.35 -29.80
CA GLU D 6 18.24 -13.31 -29.84
C GLU D 6 19.63 -13.83 -29.55
N THR D 7 20.54 -13.66 -30.50
CA THR D 7 21.92 -14.16 -30.38
C THR D 7 22.94 -13.05 -30.56
N GLY D 8 24.16 -13.35 -30.15
CA GLY D 8 25.31 -12.50 -30.41
C GLY D 8 25.66 -11.49 -29.34
N GLY D 9 25.20 -11.72 -28.11
CA GLY D 9 25.52 -10.82 -27.01
C GLY D 9 26.93 -11.03 -26.49
N GLY D 10 27.11 -10.78 -25.20
CA GLY D 10 28.34 -11.11 -24.51
C GLY D 10 29.19 -9.92 -24.12
N LEU D 11 30.47 -10.19 -23.90
CA LEU D 11 31.43 -9.19 -23.51
C LEU D 11 32.08 -8.56 -24.71
N VAL D 12 32.06 -7.24 -24.75
CA VAL D 12 32.56 -6.44 -25.84
C VAL D 12 33.60 -5.50 -25.29
N GLN D 13 34.61 -5.15 -26.07
CA GLN D 13 35.66 -4.29 -25.62
C GLN D 13 35.34 -2.89 -25.95
N PRO D 14 35.78 -1.93 -25.15
CA PRO D 14 35.46 -0.56 -25.48
C PRO D 14 35.99 -0.12 -26.81
N GLY D 15 35.15 0.43 -27.63
CA GLY D 15 35.57 0.88 -28.92
C GLY D 15 35.41 -0.17 -30.00
N ALA D 16 34.93 -1.33 -29.62
CA ALA D 16 34.76 -2.38 -30.57
C ALA D 16 33.35 -2.46 -31.08
N SER D 17 33.03 -3.50 -31.84
CA SER D 17 31.70 -3.60 -32.38
C SER D 17 30.97 -4.87 -31.93
N MET D 18 29.65 -4.85 -32.10
CA MET D 18 28.77 -6.01 -31.88
C MET D 18 27.88 -6.20 -33.10
N LYS D 19 27.43 -7.43 -33.30
CA LYS D 19 26.41 -7.76 -34.27
C LYS D 19 25.44 -8.72 -33.62
N LEU D 20 24.26 -8.22 -33.25
CA LEU D 20 23.21 -9.05 -32.67
C LEU D 20 22.27 -9.52 -33.78
N SER D 21 21.61 -10.65 -33.54
CA SER D 21 20.67 -11.25 -34.49
C SER D 21 19.35 -11.61 -33.83
N CYS D 22 18.31 -11.72 -34.66
CA CYS D 22 16.97 -12.07 -34.20
C CYS D 22 16.24 -12.98 -35.19
N LYS D 23 16.02 -14.25 -34.79
CA LYS D 23 15.32 -15.24 -35.63
C LYS D 23 13.84 -15.32 -35.24
N ALA D 24 12.97 -15.68 -36.18
CA ALA D 24 11.51 -15.63 -35.97
C ALA D 24 10.77 -16.93 -36.40
N SER D 25 9.45 -16.97 -36.24
CA SER D 25 8.66 -18.21 -36.48
C SER D 25 7.50 -18.10 -37.50
N GLY D 26 6.23 -18.05 -37.07
CA GLY D 26 5.08 -18.07 -37.99
C GLY D 26 4.41 -16.72 -38.26
N PHE D 27 5.22 -15.66 -38.35
CA PHE D 27 4.77 -14.26 -38.48
C PHE D 27 6.01 -13.46 -38.93
N THR D 28 6.18 -13.11 -40.20
CA THR D 28 5.39 -13.48 -41.38
C THR D 28 3.92 -13.03 -41.38
N PHE D 29 3.65 -11.82 -40.88
CA PHE D 29 2.38 -11.14 -41.23
C PHE D 29 2.58 -10.18 -42.40
N THR D 30 3.73 -9.49 -42.47
CA THR D 30 4.08 -8.62 -43.61
C THR D 30 3.74 -7.12 -43.42
N ARG D 31 3.02 -6.76 -42.35
CA ARG D 31 2.67 -5.35 -42.05
C ARG D 31 3.37 -4.94 -40.75
N SER D 32 4.39 -5.71 -40.35
CA SER D 32 4.97 -5.65 -39.01
C SER D 32 6.45 -5.30 -39.08
N GLY D 33 6.81 -4.18 -38.47
CA GLY D 33 8.19 -3.72 -38.43
C GLY D 33 9.00 -4.45 -37.37
N MET D 34 10.31 -4.26 -37.47
CA MET D 34 11.28 -4.84 -36.53
C MET D 34 11.92 -3.72 -35.72
N TYR D 35 11.94 -3.89 -34.40
CA TYR D 35 12.52 -2.93 -33.48
C TYR D 35 13.67 -3.54 -32.67
N TRP D 36 14.58 -2.68 -32.23
CA TRP D 36 15.55 -2.98 -31.18
C TRP D 36 15.35 -1.97 -30.06
N VAL D 37 15.14 -2.49 -28.84
CA VAL D 37 15.00 -1.68 -27.64
C VAL D 37 16.05 -2.15 -26.68
N ARG D 38 16.70 -1.22 -25.96
CA ARG D 38 17.68 -1.60 -24.95
C ARG D 38 17.25 -1.15 -23.57
N GLN D 39 17.88 -1.78 -22.58
CA GLN D 39 17.62 -1.46 -21.19
C GLN D 39 18.92 -1.50 -20.41
N ARG D 40 19.33 -0.34 -19.94
CA ARG D 40 20.61 -0.21 -19.23
C ARG D 40 20.31 -0.78 -17.84
N PRO D 41 21.26 -1.50 -17.28
CA PRO D 41 21.15 -2.23 -16.03
C PRO D 41 19.92 -1.99 -15.20
N GLY D 42 19.94 -1.07 -14.27
CA GLY D 42 18.76 -0.91 -13.45
C GLY D 42 17.78 0.14 -13.90
N GLN D 43 17.86 0.51 -15.17
CA GLN D 43 17.03 1.55 -15.70
C GLN D 43 15.89 1.14 -16.61
N GLY D 44 15.28 2.11 -17.25
CA GLY D 44 14.15 1.85 -18.09
C GLY D 44 14.36 1.49 -19.53
N LEU D 45 13.29 1.44 -20.29
CA LEU D 45 13.39 1.08 -21.70
C LEU D 45 13.83 2.27 -22.54
N GLU D 46 14.69 2.00 -23.53
CA GLU D 46 15.16 3.01 -24.49
C GLU D 46 15.09 2.44 -25.90
N TRP D 47 14.37 3.11 -26.79
CA TRP D 47 14.34 2.69 -28.18
C TRP D 47 15.70 2.94 -28.82
N VAL D 48 16.15 1.97 -29.63
CA VAL D 48 17.46 2.02 -30.28
C VAL D 48 17.34 2.16 -31.81
N ALA D 49 16.67 1.21 -32.45
CA ALA D 49 16.56 1.19 -33.91
C ALA D 49 15.29 0.52 -34.40
N TRP D 50 14.98 0.77 -35.67
CA TRP D 50 13.78 0.26 -36.32
C TRP D 50 14.01 0.08 -37.81
N ILE D 51 13.47 -0.99 -38.37
CA ILE D 51 13.41 -1.16 -39.84
C ILE D 51 11.95 -1.41 -40.23
N SER D 52 11.46 -0.63 -41.20
CA SER D 52 10.06 -0.72 -41.63
C SER D 52 9.72 -2.03 -42.31
N PRO D 53 8.42 -2.42 -42.34
CA PRO D 53 7.96 -3.74 -42.84
C PRO D 53 8.51 -4.22 -44.18
N ASN D 54 8.82 -3.28 -45.05
CA ASN D 54 9.07 -3.53 -46.46
C ASN D 54 10.54 -3.25 -46.81
N GLY D 55 11.39 -3.08 -45.80
CA GLY D 55 12.79 -2.74 -46.01
C GLY D 55 13.06 -1.25 -45.96
N GLY D 56 12.57 -0.51 -46.95
CA GLY D 56 12.82 0.94 -47.07
C GLY D 56 12.48 1.68 -45.80
N SER D 57 13.25 2.72 -45.50
CA SER D 57 13.25 3.42 -44.19
C SER D 57 13.72 2.60 -42.97
N THR D 58 14.92 2.95 -42.49
CA THR D 58 15.39 2.57 -41.18
C THR D 58 15.35 3.81 -40.30
N ASP D 59 15.64 3.64 -39.02
CA ASP D 59 15.66 4.74 -38.08
C ASP D 59 16.40 4.41 -36.79
N TYR D 60 16.98 5.44 -36.16
CA TYR D 60 17.91 5.24 -35.03
C TYR D 60 17.74 6.31 -33.95
N ASN D 61 18.05 5.94 -32.72
CA ASN D 61 18.17 6.88 -31.61
C ASN D 61 19.40 7.73 -31.87
N ASP D 62 19.35 9.00 -31.51
CA ASP D 62 20.48 9.94 -31.71
C ASP D 62 21.73 9.53 -30.92
N LYS D 63 21.56 8.80 -29.83
CA LYS D 63 22.68 8.24 -29.08
C LYS D 63 23.52 7.25 -29.90
N VAL D 64 22.86 6.60 -30.84
CA VAL D 64 23.41 5.49 -31.60
C VAL D 64 23.55 5.77 -33.13
N LYS D 65 22.96 6.88 -33.59
CA LYS D 65 22.99 7.26 -35.01
C LYS D 65 24.43 7.42 -35.47
N GLY D 66 24.73 6.91 -36.67
CA GLY D 66 26.09 6.89 -37.20
C GLY D 66 26.88 5.66 -36.82
N ARG D 67 26.63 5.15 -35.61
CA ARG D 67 27.30 3.95 -35.11
C ARG D 67 26.56 2.66 -35.42
N ALA D 68 25.26 2.72 -35.73
CA ALA D 68 24.45 1.50 -35.87
C ALA D 68 23.92 1.26 -37.27
N THR D 69 23.80 -0.01 -37.59
CA THR D 69 23.23 -0.49 -38.83
C THR D 69 22.20 -1.56 -38.47
N ILE D 70 20.94 -1.30 -38.81
CA ILE D 70 19.88 -2.34 -38.74
C ILE D 70 19.57 -2.84 -40.14
N THR D 71 19.62 -4.16 -40.31
CA THR D 71 19.28 -4.81 -41.57
C THR D 71 18.38 -6.02 -41.30
N ARG D 72 17.70 -6.48 -42.34
CA ARG D 72 16.87 -7.70 -42.27
C ARG D 72 17.05 -8.57 -43.51
N ASP D 73 17.11 -9.88 -43.30
CA ASP D 73 17.17 -10.87 -44.37
C ASP D 73 15.82 -11.57 -44.46
N THR D 74 15.01 -11.18 -45.45
CA THR D 74 13.66 -11.71 -45.67
C THR D 74 13.62 -13.21 -45.95
N SER D 75 14.68 -13.75 -46.57
CA SER D 75 14.77 -15.18 -46.87
C SER D 75 14.93 -16.05 -45.60
N SER D 76 15.89 -15.68 -44.75
CA SER D 76 16.11 -16.40 -43.47
C SER D 76 15.20 -15.93 -42.32
N ASN D 77 14.36 -14.93 -42.58
CA ASN D 77 13.40 -14.41 -41.60
C ASN D 77 14.13 -13.98 -40.32
N THR D 78 15.14 -13.13 -40.50
CA THR D 78 16.10 -12.77 -39.45
C THR D 78 16.54 -11.32 -39.57
N ALA D 79 16.63 -10.61 -38.44
CA ALA D 79 17.09 -9.21 -38.45
C ALA D 79 18.38 -9.09 -37.67
N TYR D 80 19.15 -8.04 -37.98
CA TYR D 80 20.48 -7.81 -37.42
C TYR D 80 20.61 -6.38 -36.92
N LEU D 81 21.31 -6.21 -35.81
CA LEU D 81 21.75 -4.88 -35.37
C LEU D 81 23.25 -4.93 -35.17
N GLN D 82 23.97 -4.29 -36.08
CA GLN D 82 25.41 -4.07 -35.96
C GLN D 82 25.59 -2.72 -35.30
N MET D 83 26.55 -2.60 -34.39
CA MET D 83 26.86 -1.31 -33.78
C MET D 83 28.33 -1.21 -33.45
N SER D 84 28.92 -0.02 -33.70
CA SER D 84 30.36 0.21 -33.62
C SER D 84 30.73 1.26 -32.59
N SER D 85 32.03 1.41 -32.35
CA SER D 85 32.59 2.41 -31.42
C SER D 85 31.86 2.37 -30.07
N LEU D 86 31.70 1.16 -29.55
CA LEU D 86 30.89 0.92 -28.37
C LEU D 86 31.56 1.49 -27.12
N THR D 87 30.75 2.08 -26.24
CA THR D 87 31.21 2.67 -24.99
C THR D 87 30.49 1.96 -23.86
N SER D 88 30.89 2.25 -22.62
CA SER D 88 30.19 1.67 -21.46
C SER D 88 28.73 2.13 -21.34
N GLU D 89 28.41 3.31 -21.87
CA GLU D 89 27.03 3.82 -22.01
C GLU D 89 26.14 2.95 -22.93
N ASP D 90 26.75 2.05 -23.71
CA ASP D 90 26.02 1.07 -24.53
C ASP D 90 25.81 -0.28 -23.84
N THR D 91 26.36 -0.44 -22.63
CA THR D 91 26.20 -1.66 -21.85
C THR D 91 24.74 -1.73 -21.44
N ALA D 92 24.06 -2.77 -21.91
CA ALA D 92 22.62 -2.93 -21.69
C ALA D 92 22.14 -4.28 -22.17
N VAL D 93 20.92 -4.62 -21.76
CA VAL D 93 20.21 -5.79 -22.28
C VAL D 93 19.51 -5.33 -23.53
N TYR D 94 19.94 -5.86 -24.68
CA TYR D 94 19.36 -5.50 -25.97
C TYR D 94 18.21 -6.44 -26.28
N TYR D 95 17.02 -5.84 -26.41
CA TYR D 95 15.79 -6.54 -26.70
C TYR D 95 15.45 -6.38 -28.16
N CYS D 96 14.94 -7.45 -28.74
CA CYS D 96 14.49 -7.51 -30.11
C CYS D 96 12.97 -7.62 -30.07
N ALA D 97 12.28 -6.76 -30.81
CA ALA D 97 10.81 -6.79 -30.81
C ALA D 97 10.24 -6.70 -32.20
N ARG D 98 9.03 -7.22 -32.34
CA ARG D 98 8.35 -7.23 -33.64
C ARG D 98 6.85 -7.12 -33.45
N GLY D 99 6.19 -6.48 -34.41
CA GLY D 99 4.73 -6.50 -34.43
C GLY D 99 4.07 -5.47 -35.32
N TRP D 100 2.77 -5.63 -35.50
CA TRP D 100 1.95 -4.66 -36.21
C TRP D 100 1.10 -3.88 -35.22
N GLY D 101 1.35 -2.58 -35.11
CA GLY D 101 0.61 -1.69 -34.20
C GLY D 101 0.80 -2.13 -32.77
N GLY D 102 1.98 -1.84 -32.28
CA GLY D 102 2.49 -2.34 -31.01
C GLY D 102 3.71 -3.21 -31.25
N MET D 103 4.51 -3.39 -30.20
CA MET D 103 5.61 -4.34 -30.18
C MET D 103 5.13 -5.56 -29.40
N ARG D 104 4.52 -6.53 -30.08
CA ARG D 104 3.78 -7.60 -29.38
C ARG D 104 4.59 -8.88 -29.09
N TYR D 105 5.58 -9.19 -29.92
CA TYR D 105 6.47 -10.32 -29.68
C TYR D 105 7.86 -9.77 -29.33
N TRP D 106 8.39 -10.20 -28.18
CA TRP D 106 9.74 -9.84 -27.73
C TRP D 106 10.61 -11.07 -27.59
N GLY D 107 11.92 -10.88 -27.75
CA GLY D 107 12.90 -11.90 -27.38
C GLY D 107 13.18 -11.74 -25.90
N GLN D 108 13.82 -12.75 -25.30
CA GLN D 108 14.07 -12.74 -23.86
C GLN D 108 15.13 -11.70 -23.43
N GLY D 109 15.91 -11.21 -24.39
CA GLY D 109 16.91 -10.16 -24.17
C GLY D 109 18.28 -10.78 -24.30
N THR D 110 19.29 -9.94 -24.58
CA THR D 110 20.68 -10.40 -24.57
C THR D 110 21.62 -9.30 -24.05
N THR D 111 22.35 -9.59 -22.97
CA THR D 111 23.21 -8.61 -22.32
C THR D 111 24.46 -8.41 -23.17
N VAL D 112 24.77 -7.13 -23.41
CA VAL D 112 26.03 -6.71 -23.98
C VAL D 112 26.72 -5.91 -22.89
N THR D 113 27.96 -6.31 -22.58
CA THR D 113 28.71 -5.70 -21.51
C THR D 113 30.00 -5.12 -22.09
N VAL D 114 30.08 -3.79 -22.14
CA VAL D 114 31.23 -3.11 -22.72
C VAL D 114 32.26 -2.86 -21.63
N SER D 115 33.34 -3.65 -21.68
CA SER D 115 34.35 -3.69 -20.64
C SER D 115 35.58 -4.48 -21.13
N SER D 116 36.76 -4.01 -20.76
CA SER D 116 38.00 -4.74 -21.03
C SER D 116 38.35 -5.83 -19.99
N ALA D 117 37.49 -6.03 -19.00
CA ALA D 117 37.70 -7.09 -17.99
C ALA D 117 37.60 -8.50 -18.59
N SER D 118 38.30 -9.45 -17.96
CA SER D 118 38.33 -10.83 -18.45
C SER D 118 37.17 -11.64 -17.88
N THR D 119 36.73 -12.63 -18.65
CA THR D 119 35.71 -13.54 -18.19
C THR D 119 36.32 -14.43 -17.12
N LYS D 120 35.59 -14.62 -16.04
CA LYS D 120 35.96 -15.55 -15.00
C LYS D 120 34.74 -16.34 -14.54
N GLY D 121 34.89 -17.65 -14.48
CA GLY D 121 33.84 -18.52 -13.96
C GLY D 121 33.77 -18.51 -12.42
N PRO D 122 32.57 -18.76 -11.87
CA PRO D 122 32.37 -18.70 -10.43
C PRO D 122 32.89 -19.92 -9.69
N SER D 123 33.14 -19.76 -8.40
CA SER D 123 33.31 -20.89 -7.47
C SER D 123 31.99 -21.00 -6.72
N VAL D 124 31.51 -22.22 -6.51
CA VAL D 124 30.19 -22.46 -5.92
C VAL D 124 30.31 -23.21 -4.59
N PHE D 125 30.01 -22.51 -3.50
CA PHE D 125 30.11 -23.07 -2.16
C PHE D 125 28.71 -23.29 -1.56
N PRO D 126 28.55 -24.30 -0.70
CA PRO D 126 27.24 -24.58 -0.12
C PRO D 126 26.94 -23.69 1.06
N LEU D 127 25.66 -23.41 1.28
CA LEU D 127 25.17 -22.74 2.47
C LEU D 127 24.38 -23.81 3.20
N ALA D 128 25.08 -24.53 4.07
CA ALA D 128 24.54 -25.71 4.72
C ALA D 128 23.57 -25.35 5.85
N PRO D 129 22.46 -26.10 5.97
CA PRO D 129 21.49 -25.84 7.06
C PRO D 129 21.94 -26.37 8.43
N SER D 130 21.18 -26.02 9.46
CA SER D 130 21.26 -26.65 10.80
C SER D 130 20.66 -28.08 10.65
N SER D 131 21.02 -29.11 11.44
CA SER D 131 21.63 -29.10 12.80
C SER D 131 20.83 -28.33 13.88
N LYS D 132 19.51 -28.17 13.62
CA LYS D 132 18.63 -27.21 14.31
C LYS D 132 19.23 -26.48 15.52
N GLY D 136 13.97 -25.57 14.25
CA GLY D 136 12.60 -25.11 14.26
C GLY D 136 11.65 -26.07 13.56
N GLY D 137 10.82 -25.54 12.65
CA GLY D 137 9.88 -26.34 11.83
C GLY D 137 10.15 -26.43 10.33
N THR D 138 10.95 -25.50 9.80
CA THR D 138 11.24 -25.43 8.35
C THR D 138 12.70 -24.97 8.14
N ALA D 139 13.45 -25.72 7.34
CA ALA D 139 14.89 -25.46 7.15
C ALA D 139 15.17 -24.58 5.94
N ALA D 140 16.33 -23.92 5.93
CA ALA D 140 16.78 -23.12 4.79
C ALA D 140 18.20 -23.50 4.41
N LEU D 141 18.46 -23.62 3.11
CA LEU D 141 19.76 -24.01 2.57
C LEU D 141 20.00 -23.28 1.25
N GLY D 142 21.25 -23.25 0.79
CA GLY D 142 21.56 -22.52 -0.44
C GLY D 142 22.92 -22.75 -1.05
N CYS D 143 23.21 -21.99 -2.10
CA CYS D 143 24.52 -21.97 -2.77
C CYS D 143 25.01 -20.54 -2.90
N LEU D 144 26.30 -20.34 -2.63
CA LEU D 144 26.98 -19.08 -2.85
C LEU D 144 27.76 -19.24 -4.15
N VAL D 145 27.55 -18.29 -5.06
CA VAL D 145 28.24 -18.26 -6.35
C VAL D 145 29.18 -17.05 -6.31
N LYS D 146 30.46 -17.31 -6.08
CA LYS D 146 31.46 -16.25 -5.86
C LYS D 146 32.37 -16.00 -7.05
N ASP D 147 32.74 -14.75 -7.21
CA ASP D 147 33.88 -14.34 -8.03
C ASP D 147 33.74 -14.72 -9.52
N TYR D 148 32.66 -14.26 -10.13
CA TYR D 148 32.47 -14.44 -11.57
C TYR D 148 32.36 -13.09 -12.28
N PHE D 149 32.64 -13.10 -13.59
CA PHE D 149 32.44 -11.94 -14.46
C PHE D 149 32.36 -12.38 -15.93
N PRO D 150 31.54 -11.77 -16.77
CA PRO D 150 30.53 -10.78 -16.42
C PRO D 150 29.25 -11.46 -15.94
N GLU D 151 28.20 -10.69 -15.76
CA GLU D 151 26.86 -11.26 -15.62
C GLU D 151 26.39 -11.86 -16.97
N PRO D 152 25.42 -12.78 -16.97
CA PRO D 152 24.68 -13.26 -15.82
C PRO D 152 25.08 -14.66 -15.37
N VAL D 153 24.49 -15.03 -14.23
CA VAL D 153 24.57 -16.37 -13.69
C VAL D 153 23.14 -16.87 -13.47
N THR D 154 22.99 -18.19 -13.57
CA THR D 154 21.70 -18.88 -13.59
C THR D 154 21.73 -20.00 -12.55
N VAL D 155 20.74 -20.00 -11.65
CA VAL D 155 20.66 -21.02 -10.62
C VAL D 155 19.28 -21.65 -10.63
N SER D 156 19.24 -22.97 -10.85
CA SER D 156 18.02 -23.76 -10.63
C SER D 156 18.34 -24.78 -9.55
N TRP D 157 17.30 -25.43 -9.04
CA TRP D 157 17.44 -26.45 -8.00
C TRP D 157 16.85 -27.78 -8.46
N ASN D 158 17.60 -28.85 -8.25
CA ASN D 158 17.22 -30.21 -8.65
C ASN D 158 16.80 -30.26 -10.11
N SER D 159 17.63 -29.66 -10.95
CA SER D 159 17.42 -29.57 -12.41
C SER D 159 16.09 -28.90 -12.80
N GLY D 160 15.63 -27.94 -12.00
CA GLY D 160 14.34 -27.27 -12.24
C GLY D 160 13.12 -27.95 -11.63
N ALA D 161 13.30 -29.14 -11.04
CA ALA D 161 12.23 -29.86 -10.36
C ALA D 161 11.76 -29.17 -9.07
N LEU D 162 12.63 -28.41 -8.43
CA LEU D 162 12.32 -27.66 -7.20
C LEU D 162 12.33 -26.17 -7.50
N THR D 163 11.14 -25.58 -7.58
CA THR D 163 10.97 -24.14 -7.81
C THR D 163 10.35 -23.39 -6.63
N SER D 164 9.65 -24.09 -5.75
CA SER D 164 8.78 -23.41 -4.77
C SER D 164 9.43 -22.45 -3.78
N GLY D 165 10.34 -22.92 -2.92
CA GLY D 165 10.84 -22.06 -1.85
C GLY D 165 11.99 -21.14 -2.25
N VAL D 166 12.27 -21.04 -3.54
CA VAL D 166 13.56 -20.56 -4.05
C VAL D 166 13.60 -19.05 -4.13
N HIS D 167 14.60 -18.44 -3.51
CA HIS D 167 14.95 -17.05 -3.75
C HIS D 167 16.37 -17.00 -4.25
N THR D 168 16.54 -16.60 -5.52
CA THR D 168 17.84 -16.32 -6.12
C THR D 168 18.06 -14.81 -6.14
N PHE D 169 19.09 -14.37 -5.41
CA PHE D 169 19.29 -12.97 -5.12
C PHE D 169 19.95 -12.21 -6.26
N PRO D 170 19.73 -10.88 -6.33
CA PRO D 170 20.49 -10.08 -7.28
C PRO D 170 21.97 -10.12 -7.00
N ALA D 171 22.75 -10.14 -8.07
CA ALA D 171 24.20 -10.20 -7.94
C ALA D 171 24.69 -8.89 -7.35
N VAL D 172 25.87 -8.98 -6.73
CA VAL D 172 26.49 -7.85 -6.02
C VAL D 172 27.89 -7.69 -6.57
N LEU D 173 28.22 -6.47 -6.95
CA LEU D 173 29.54 -6.16 -7.46
C LEU D 173 30.44 -5.92 -6.27
N GLN D 174 31.45 -6.78 -6.11
CA GLN D 174 32.33 -6.74 -4.96
C GLN D 174 33.43 -5.69 -5.15
N SER D 175 34.21 -5.48 -4.11
CA SER D 175 35.39 -4.61 -4.13
C SER D 175 36.42 -5.05 -5.15
N SER D 176 36.48 -6.36 -5.42
CA SER D 176 37.37 -6.91 -6.45
C SER D 176 36.94 -6.57 -7.88
N GLY D 177 35.67 -6.21 -8.06
CA GLY D 177 35.11 -5.99 -9.38
C GLY D 177 34.53 -7.25 -9.99
N LEU D 178 34.59 -8.34 -9.23
CA LEU D 178 33.90 -9.57 -9.57
C LEU D 178 32.53 -9.61 -8.90
N TYR D 179 31.62 -10.31 -9.56
CA TYR D 179 30.25 -10.45 -9.06
C TYR D 179 30.16 -11.62 -8.13
N SER D 180 29.09 -11.63 -7.35
CA SER D 180 28.77 -12.74 -6.48
C SER D 180 27.28 -12.73 -6.14
N LEU D 181 26.67 -13.91 -6.08
CA LEU D 181 25.27 -14.02 -5.62
C LEU D 181 25.01 -15.30 -4.86
N SER D 182 23.95 -15.26 -4.06
CA SER D 182 23.48 -16.41 -3.32
C SER D 182 22.07 -16.80 -3.84
N SER D 183 21.82 -18.10 -3.92
CA SER D 183 20.49 -18.62 -4.14
C SER D 183 20.16 -19.54 -2.99
N VAL D 184 18.98 -19.33 -2.41
CA VAL D 184 18.54 -20.12 -1.27
C VAL D 184 17.18 -20.72 -1.53
N VAL D 185 16.88 -21.77 -0.76
CA VAL D 185 15.57 -22.40 -0.78
C VAL D 185 15.20 -22.89 0.62
N THR D 186 13.95 -22.64 1.00
CA THR D 186 13.38 -23.14 2.23
C THR D 186 12.66 -24.44 1.93
N VAL D 187 12.92 -25.45 2.76
CA VAL D 187 12.37 -26.79 2.60
C VAL D 187 11.92 -27.34 3.94
N PRO D 188 11.09 -28.40 3.93
CA PRO D 188 10.78 -29.11 5.16
C PRO D 188 12.02 -29.72 5.81
N SER D 189 12.23 -29.41 7.10
CA SER D 189 13.34 -30.00 7.86
C SER D 189 13.25 -31.53 7.96
N SER D 190 12.02 -32.07 7.98
CA SER D 190 11.80 -33.51 7.98
C SER D 190 12.33 -34.23 6.73
N SER D 191 12.40 -33.51 5.60
CA SER D 191 12.92 -34.08 4.34
C SER D 191 14.44 -33.92 4.10
N LEU D 192 15.18 -33.37 5.07
CA LEU D 192 16.65 -33.26 4.93
C LEU D 192 17.34 -34.62 4.97
N GLY D 193 16.84 -35.53 5.80
CA GLY D 193 17.32 -36.90 5.84
C GLY D 193 17.07 -37.64 4.52
N THR D 194 15.84 -37.55 4.02
CA THR D 194 15.44 -38.32 2.83
C THR D 194 15.98 -37.69 1.54
N GLN D 195 15.55 -36.47 1.22
CA GLN D 195 15.76 -35.92 -0.11
C GLN D 195 17.06 -35.13 -0.23
N THR D 196 17.68 -35.22 -1.41
CA THR D 196 18.88 -34.44 -1.75
C THR D 196 18.54 -33.16 -2.51
N TYR D 197 19.37 -32.13 -2.27
CA TYR D 197 19.19 -30.83 -2.86
C TYR D 197 20.48 -30.43 -3.58
N ILE D 198 20.39 -30.25 -4.89
CA ILE D 198 21.51 -29.86 -5.75
C ILE D 198 21.16 -28.54 -6.44
N CYS D 199 22.00 -27.52 -6.29
CA CYS D 199 21.88 -26.28 -7.07
C CYS D 199 22.68 -26.42 -8.37
N ASN D 200 22.06 -26.00 -9.46
CA ASN D 200 22.63 -26.08 -10.79
C ASN D 200 23.00 -24.66 -11.18
N VAL D 201 24.30 -24.37 -11.11
CA VAL D 201 24.85 -23.08 -11.49
C VAL D 201 25.31 -23.13 -12.95
N ASN D 202 25.08 -22.03 -13.66
CA ASN D 202 25.47 -21.91 -15.04
C ASN D 202 25.93 -20.48 -15.26
N HIS D 203 27.23 -20.30 -15.51
CA HIS D 203 27.78 -19.03 -15.95
C HIS D 203 28.17 -19.21 -17.39
N LYS D 204 27.21 -18.90 -18.27
CA LYS D 204 27.36 -19.17 -19.70
C LYS D 204 28.57 -18.46 -20.34
N PRO D 205 28.86 -17.18 -19.98
CA PRO D 205 30.00 -16.45 -20.53
C PRO D 205 31.38 -17.10 -20.41
N SER D 206 31.58 -17.90 -19.37
CA SER D 206 32.84 -18.61 -19.14
C SER D 206 32.75 -20.10 -19.43
N ASN D 207 31.62 -20.57 -19.98
CA ASN D 207 31.37 -21.99 -20.20
C ASN D 207 31.31 -22.81 -18.90
N THR D 208 31.08 -22.15 -17.77
CA THR D 208 31.07 -22.81 -16.46
C THR D 208 29.67 -23.30 -16.17
N LYS D 209 29.58 -24.55 -15.74
CA LYS D 209 28.34 -25.25 -15.51
C LYS D 209 28.64 -26.19 -14.34
N VAL D 210 28.07 -25.92 -13.18
CA VAL D 210 28.44 -26.61 -11.93
C VAL D 210 27.19 -27.10 -11.20
N ASP D 211 27.26 -28.33 -10.69
CA ASP D 211 26.23 -28.88 -9.79
C ASP D 211 26.82 -29.04 -8.38
N LYS D 212 26.21 -28.37 -7.40
CA LYS D 212 26.66 -28.48 -6.01
C LYS D 212 25.56 -29.08 -5.18
N ARG D 213 25.84 -30.20 -4.53
CA ARG D 213 24.92 -30.80 -3.57
C ARG D 213 25.11 -30.14 -2.23
N VAL D 214 24.01 -29.93 -1.51
CA VAL D 214 24.03 -29.25 -0.22
C VAL D 214 23.42 -30.18 0.82
N GLU D 215 24.23 -30.56 1.81
CA GLU D 215 23.77 -31.40 2.95
C GLU D 215 24.13 -30.72 4.28
N PRO D 216 23.50 -31.15 5.39
CA PRO D 216 23.80 -30.49 6.67
C PRO D 216 25.16 -30.90 7.26
N LYS D 217 26.00 -29.89 7.55
CA LYS D 217 27.33 -29.99 8.21
C LYS D 217 28.14 -28.74 7.81
#